data_2JR3
#
_entry.id   2JR3
#
_cell.length_a   1.000
_cell.length_b   1.000
_cell.length_c   1.000
_cell.angle_alpha   90.00
_cell.angle_beta   90.00
_cell.angle_gamma   90.00
#
_symmetry.space_group_name_H-M   'P 1'
#
_entity_poly.entity_id   1
_entity_poly.type   'polypeptide(L)'
_entity_poly.pdbx_seq_one_letter_code
;DDTPSSRCGSGGWGPCLPIVDLLCIVHVTVGCSGGFGCCRIG
;
_entity_poly.pdbx_strand_id   A
#
# COMPACT_ATOMS: atom_id res chain seq x y z
N ASP A 1 -6.51 2.41 10.23
CA ASP A 1 -6.52 2.43 11.68
C ASP A 1 -5.14 2.10 12.24
N ASP A 2 -4.13 2.84 11.78
CA ASP A 2 -2.76 2.64 12.23
C ASP A 2 -2.27 1.24 11.86
N THR A 3 -2.08 1.00 10.57
CA THR A 3 -1.61 -0.29 10.10
C THR A 3 -0.32 -0.71 10.80
N PRO A 4 -0.04 -2.02 10.77
CA PRO A 4 1.16 -2.58 11.40
C PRO A 4 2.44 -2.18 10.67
N SER A 5 3.56 -2.77 11.09
CA SER A 5 4.85 -2.47 10.49
C SER A 5 5.02 -3.22 9.17
N SER A 6 4.18 -2.89 8.19
CA SER A 6 4.23 -3.54 6.89
C SER A 6 4.97 -2.68 5.87
N ARG A 7 4.84 -3.02 4.59
CA ARG A 7 5.50 -2.28 3.53
C ARG A 7 5.13 -2.84 2.17
N CYS A 8 5.11 -1.98 1.16
CA CYS A 8 4.77 -2.39 -0.20
C CYS A 8 5.76 -3.42 -0.72
N GLY A 9 5.27 -4.61 -1.03
CA GLY A 9 6.13 -5.67 -1.52
C GLY A 9 6.95 -6.32 -0.43
N SER A 10 6.41 -6.32 0.79
CA SER A 10 7.10 -6.92 1.93
C SER A 10 6.29 -8.07 2.51
N GLY A 11 5.01 -8.14 2.13
CA GLY A 11 4.16 -9.20 2.63
C GLY A 11 3.00 -9.50 1.69
N GLY A 12 1.88 -8.81 1.88
CA GLY A 12 0.73 -9.02 1.02
C GLY A 12 0.46 -7.84 0.10
N TRP A 13 1.19 -6.76 0.31
CA TRP A 13 1.02 -5.56 -0.50
C TRP A 13 1.87 -5.65 -1.77
N GLY A 14 1.27 -5.28 -2.90
CA GLY A 14 1.99 -5.32 -4.16
C GLY A 14 3.23 -4.44 -4.16
N PRO A 15 3.83 -4.25 -5.33
CA PRO A 15 5.04 -3.43 -5.49
C PRO A 15 4.76 -1.95 -5.28
N CYS A 16 3.81 -1.41 -6.03
CA CYS A 16 3.45 -0.01 -5.93
C CYS A 16 2.28 0.32 -6.85
N LEU A 17 1.23 0.90 -6.28
CA LEU A 17 0.04 1.26 -7.04
C LEU A 17 -0.32 2.73 -6.84
N PRO A 18 -0.74 3.40 -7.91
CA PRO A 18 -1.12 4.82 -7.86
C PRO A 18 -2.42 5.04 -7.09
N ILE A 19 -2.37 5.92 -6.10
CA ILE A 19 -3.55 6.22 -5.30
C ILE A 19 -4.71 6.71 -6.17
N VAL A 20 -4.38 7.19 -7.37
CA VAL A 20 -5.38 7.69 -8.30
C VAL A 20 -6.42 6.61 -8.61
N ASP A 21 -6.02 5.35 -8.43
CA ASP A 21 -6.93 4.23 -8.70
C ASP A 21 -7.26 3.49 -7.42
N LEU A 22 -6.66 3.93 -6.31
CA LEU A 22 -6.91 3.29 -5.02
C LEU A 22 -8.40 3.08 -4.78
N LEU A 23 -8.72 2.11 -3.92
CA LEU A 23 -10.11 1.81 -3.62
C LEU A 23 -10.29 1.55 -2.13
N CYS A 24 -9.18 1.33 -1.43
CA CYS A 24 -9.22 1.08 0.00
C CYS A 24 -8.84 2.33 0.79
N ILE A 25 -8.92 2.24 2.11
CA ILE A 25 -8.57 3.37 2.98
C ILE A 25 -7.49 2.98 3.98
N VAL A 26 -7.56 1.74 4.45
CA VAL A 26 -6.58 1.25 5.42
C VAL A 26 -5.39 0.61 4.73
N HIS A 27 -5.25 0.89 3.44
CA HIS A 27 -4.15 0.34 2.66
C HIS A 27 -2.81 0.74 3.26
N VAL A 28 -1.72 0.44 2.55
CA VAL A 28 -0.38 0.77 3.02
C VAL A 28 0.36 1.64 2.01
N THR A 29 1.14 2.59 2.51
CA THR A 29 1.90 3.50 1.66
C THR A 29 3.34 3.62 2.13
N VAL A 30 3.94 2.48 2.46
CA VAL A 30 5.33 2.46 2.93
C VAL A 30 6.24 1.80 1.91
N GLY A 31 7.42 2.38 1.71
CA GLY A 31 8.37 1.84 0.76
C GLY A 31 8.08 2.26 -0.66
N CYS A 32 6.95 2.94 -0.85
CA CYS A 32 6.56 3.42 -2.18
C CYS A 32 6.92 4.88 -2.37
N SER A 33 6.60 5.42 -3.53
CA SER A 33 6.89 6.81 -3.85
C SER A 33 5.81 7.74 -3.30
N GLY A 34 6.17 9.01 -3.13
CA GLY A 34 5.22 9.98 -2.62
C GLY A 34 4.04 10.19 -3.55
N GLY A 35 2.96 9.43 -3.32
CA GLY A 35 1.79 9.54 -4.16
C GLY A 35 1.29 8.21 -4.65
N PHE A 36 1.98 7.14 -4.27
CA PHE A 36 1.60 5.79 -4.68
C PHE A 36 1.55 4.85 -3.48
N GLY A 37 0.44 4.13 -3.35
CA GLY A 37 0.29 3.20 -2.24
C GLY A 37 0.06 1.77 -2.71
N CYS A 38 -0.31 0.90 -1.78
CA CYS A 38 -0.55 -0.51 -2.09
C CYS A 38 -1.63 -1.09 -1.19
N CYS A 39 -2.46 -1.95 -1.75
CA CYS A 39 -3.54 -2.58 -0.99
C CYS A 39 -3.33 -4.09 -0.91
N ARG A 40 -4.07 -4.73 -0.02
CA ARG A 40 -3.98 -6.18 0.16
C ARG A 40 -4.33 -6.91 -1.14
N ILE A 41 -3.31 -7.44 -1.80
CA ILE A 41 -3.51 -8.17 -3.05
C ILE A 41 -3.75 -9.65 -2.79
N GLY A 42 -2.85 -10.26 -2.02
CA GLY A 42 -2.98 -11.67 -1.72
C GLY A 42 -2.50 -12.01 -0.32
N ASP A 1 -6.83 4.45 11.73
CA ASP A 1 -6.04 4.44 10.50
C ASP A 1 -4.57 4.15 10.79
N ASP A 2 -4.32 3.08 11.55
CA ASP A 2 -2.97 2.69 11.90
C ASP A 2 -2.66 1.28 11.40
N THR A 3 -1.85 1.20 10.35
CA THR A 3 -1.48 -0.09 9.77
C THR A 3 -0.29 -0.70 10.51
N PRO A 4 -0.12 -2.02 10.38
CA PRO A 4 0.98 -2.75 11.02
C PRO A 4 2.34 -2.41 10.41
N SER A 5 3.38 -3.11 10.87
CA SER A 5 4.72 -2.89 10.37
C SER A 5 4.94 -3.60 9.05
N SER A 6 4.17 -3.21 8.03
CA SER A 6 4.27 -3.82 6.71
C SER A 6 4.96 -2.87 5.74
N ARG A 7 4.87 -3.18 4.45
CA ARG A 7 5.50 -2.36 3.41
C ARG A 7 5.23 -2.95 2.03
N CYS A 8 5.03 -2.07 1.05
CA CYS A 8 4.78 -2.50 -0.32
C CYS A 8 5.83 -3.50 -0.78
N GLY A 9 5.39 -4.70 -1.13
CA GLY A 9 6.31 -5.73 -1.59
C GLY A 9 7.07 -6.37 -0.45
N SER A 10 6.49 -6.36 0.73
CA SER A 10 7.11 -6.94 1.91
C SER A 10 6.28 -8.11 2.45
N GLY A 11 5.00 -8.12 2.11
CA GLY A 11 4.12 -9.17 2.56
C GLY A 11 3.00 -9.46 1.58
N GLY A 12 1.85 -8.85 1.80
CA GLY A 12 0.71 -9.06 0.91
C GLY A 12 0.46 -7.87 0.01
N TRP A 13 1.18 -6.78 0.24
CA TRP A 13 1.02 -5.57 -0.55
C TRP A 13 1.89 -5.63 -1.80
N GLY A 14 1.32 -5.26 -2.94
CA GLY A 14 2.06 -5.28 -4.19
C GLY A 14 3.29 -4.39 -4.15
N PRO A 15 3.91 -4.17 -5.31
CA PRO A 15 5.10 -3.34 -5.44
C PRO A 15 4.81 -1.86 -5.22
N CYS A 16 3.86 -1.33 -5.99
CA CYS A 16 3.48 0.07 -5.89
C CYS A 16 2.30 0.38 -6.80
N LEU A 17 1.23 0.94 -6.23
CA LEU A 17 0.04 1.29 -6.98
C LEU A 17 -0.35 2.75 -6.76
N PRO A 18 -0.79 3.42 -7.83
CA PRO A 18 -1.20 4.82 -7.77
C PRO A 18 -2.50 5.01 -6.99
N ILE A 19 -2.47 5.89 -6.00
CA ILE A 19 -3.65 6.16 -5.18
C ILE A 19 -4.81 6.62 -6.04
N VAL A 20 -4.50 7.11 -7.24
CA VAL A 20 -5.53 7.58 -8.17
C VAL A 20 -6.53 6.48 -8.49
N ASP A 21 -6.10 5.23 -8.32
CA ASP A 21 -6.97 4.09 -8.59
C ASP A 21 -7.27 3.32 -7.31
N LEU A 22 -6.69 3.77 -6.20
CA LEU A 22 -6.90 3.13 -4.92
C LEU A 22 -8.38 2.83 -4.70
N LEU A 23 -8.66 1.88 -3.80
CA LEU A 23 -10.03 1.50 -3.49
C LEU A 23 -10.21 1.31 -1.99
N CYS A 24 -9.10 1.17 -1.27
CA CYS A 24 -9.14 0.99 0.17
C CYS A 24 -8.74 2.26 0.90
N ILE A 25 -8.90 2.26 2.22
CA ILE A 25 -8.56 3.41 3.03
C ILE A 25 -7.47 3.07 4.05
N VAL A 26 -7.56 1.87 4.61
CA VAL A 26 -6.59 1.41 5.60
C VAL A 26 -5.42 0.71 4.93
N HIS A 27 -5.29 0.88 3.62
CA HIS A 27 -4.21 0.27 2.87
C HIS A 27 -2.84 0.67 3.43
N VAL A 28 -1.78 0.31 2.71
CA VAL A 28 -0.43 0.64 3.14
C VAL A 28 0.27 1.50 2.11
N THR A 29 1.09 2.44 2.58
CA THR A 29 1.83 3.33 1.70
C THR A 29 3.28 3.48 2.15
N VAL A 30 3.88 2.37 2.57
CA VAL A 30 5.26 2.38 3.03
C VAL A 30 6.18 1.73 2.00
N GLY A 31 7.37 2.31 1.82
CA GLY A 31 8.31 1.77 0.87
C GLY A 31 8.04 2.24 -0.55
N CYS A 32 6.91 2.91 -0.73
CA CYS A 32 6.53 3.42 -2.06
C CYS A 32 6.89 4.89 -2.20
N SER A 33 6.57 5.46 -3.35
CA SER A 33 6.86 6.86 -3.62
C SER A 33 5.75 7.77 -3.07
N GLY A 34 6.10 9.03 -2.84
CA GLY A 34 5.12 9.97 -2.31
C GLY A 34 3.97 10.20 -3.26
N GLY A 35 2.89 9.44 -3.08
CA GLY A 35 1.74 9.58 -3.94
C GLY A 35 1.23 8.24 -4.46
N PHE A 36 1.93 7.17 -4.10
CA PHE A 36 1.55 5.84 -4.54
C PHE A 36 1.50 4.87 -3.35
N GLY A 37 0.40 4.12 -3.26
CA GLY A 37 0.26 3.17 -2.16
C GLY A 37 0.05 1.76 -2.67
N CYS A 38 -0.32 0.85 -1.75
CA CYS A 38 -0.55 -0.55 -2.10
C CYS A 38 -1.66 -1.13 -1.26
N CYS A 39 -2.46 -2.00 -1.87
CA CYS A 39 -3.57 -2.64 -1.17
C CYS A 39 -3.36 -4.15 -1.08
N ARG A 40 -4.09 -4.80 -0.17
CA ARG A 40 -3.98 -6.23 0.01
C ARG A 40 -4.25 -6.97 -1.30
N ILE A 41 -3.19 -7.50 -1.90
CA ILE A 41 -3.31 -8.23 -3.16
C ILE A 41 -3.54 -9.72 -2.91
N GLY A 42 -2.67 -10.32 -2.10
CA GLY A 42 -2.81 -11.73 -1.79
C GLY A 42 -1.71 -12.22 -0.86
N ASP A 1 -6.30 3.47 13.93
CA ASP A 1 -6.06 4.27 12.72
C ASP A 1 -4.61 4.17 12.28
N ASP A 2 -4.09 2.94 12.22
CA ASP A 2 -2.72 2.71 11.82
C ASP A 2 -2.56 1.33 11.19
N THR A 3 -1.32 0.91 10.97
CA THR A 3 -1.04 -0.39 10.38
C THR A 3 0.20 -1.03 11.01
N PRO A 4 0.31 -2.35 10.86
CA PRO A 4 1.43 -3.11 11.42
C PRO A 4 2.75 -2.82 10.69
N SER A 5 3.77 -3.62 11.00
CA SER A 5 5.08 -3.43 10.37
C SER A 5 5.10 -4.02 8.96
N SER A 6 4.22 -3.50 8.11
CA SER A 6 4.12 -3.98 6.73
C SER A 6 4.62 -2.91 5.76
N ARG A 7 5.05 -3.35 4.58
CA ARG A 7 5.56 -2.44 3.56
C ARG A 7 5.31 -2.99 2.17
N CYS A 8 5.09 -2.09 1.20
CA CYS A 8 4.84 -2.49 -0.17
C CYS A 8 5.91 -3.47 -0.65
N GLY A 9 5.47 -4.65 -1.10
CA GLY A 9 6.39 -5.65 -1.58
C GLY A 9 7.12 -6.36 -0.45
N SER A 10 6.52 -6.35 0.74
CA SER A 10 7.11 -6.99 1.90
C SER A 10 6.21 -8.12 2.43
N GLY A 11 4.91 -7.96 2.21
CA GLY A 11 3.97 -8.96 2.67
C GLY A 11 2.88 -9.23 1.65
N GLY A 12 1.70 -8.67 1.88
CA GLY A 12 0.58 -8.87 0.97
C GLY A 12 0.37 -7.69 0.04
N TRP A 13 1.09 -6.60 0.30
CA TRP A 13 0.97 -5.40 -0.52
C TRP A 13 1.89 -5.48 -1.73
N GLY A 14 1.35 -5.13 -2.89
CA GLY A 14 2.14 -5.16 -4.12
C GLY A 14 3.36 -4.26 -4.05
N PRO A 15 4.02 -4.07 -5.20
CA PRO A 15 5.22 -3.23 -5.29
C PRO A 15 4.89 -1.75 -5.12
N CYS A 16 3.99 -1.24 -5.96
CA CYS A 16 3.59 0.15 -5.90
C CYS A 16 2.43 0.43 -6.85
N LEU A 17 1.34 0.98 -6.30
CA LEU A 17 0.15 1.28 -7.10
C LEU A 17 -0.26 2.73 -6.91
N PRO A 18 -0.70 3.39 -8.00
CA PRO A 18 -1.15 4.78 -7.97
C PRO A 18 -2.46 4.95 -7.23
N ILE A 19 -2.47 5.84 -6.24
CA ILE A 19 -3.67 6.10 -5.46
C ILE A 19 -4.83 6.53 -6.35
N VAL A 20 -4.50 7.01 -7.55
CA VAL A 20 -5.51 7.45 -8.51
C VAL A 20 -6.48 6.33 -8.84
N ASP A 21 -6.04 5.09 -8.65
CA ASP A 21 -6.87 3.92 -8.93
C ASP A 21 -7.19 3.16 -7.64
N LEU A 22 -6.64 3.64 -6.53
CA LEU A 22 -6.87 3.00 -5.23
C LEU A 22 -8.35 2.68 -5.04
N LEU A 23 -8.63 1.75 -4.13
CA LEU A 23 -10.00 1.35 -3.85
C LEU A 23 -10.23 1.19 -2.35
N CYS A 24 -9.14 1.11 -1.60
CA CYS A 24 -9.20 0.95 -0.16
C CYS A 24 -8.84 2.25 0.55
N ILE A 25 -9.04 2.28 1.87
CA ILE A 25 -8.73 3.46 2.65
C ILE A 25 -7.67 3.16 3.71
N VAL A 26 -7.76 1.96 4.29
CA VAL A 26 -6.81 1.54 5.31
C VAL A 26 -5.61 0.84 4.70
N HIS A 27 -5.46 1.00 3.39
CA HIS A 27 -4.34 0.37 2.67
C HIS A 27 -3.01 0.80 3.27
N VAL A 28 -1.92 0.42 2.60
CA VAL A 28 -0.58 0.77 3.07
C VAL A 28 0.17 1.59 2.03
N THR A 29 0.94 2.57 2.50
CA THR A 29 1.71 3.42 1.60
C THR A 29 3.15 3.56 2.08
N VAL A 30 3.73 2.45 2.53
CA VAL A 30 5.11 2.44 3.01
C VAL A 30 6.04 1.80 1.99
N GLY A 31 7.24 2.36 1.85
CA GLY A 31 8.21 1.82 0.92
C GLY A 31 7.98 2.31 -0.50
N CYS A 32 6.85 2.99 -0.71
CA CYS A 32 6.52 3.51 -2.03
C CYS A 32 6.87 4.99 -2.14
N SER A 33 6.59 5.57 -3.30
CA SER A 33 6.88 6.98 -3.54
C SER A 33 5.71 7.86 -3.13
N GLY A 34 6.00 9.10 -2.74
CA GLY A 34 4.96 10.01 -2.33
C GLY A 34 3.90 10.21 -3.39
N GLY A 35 2.78 9.52 -3.24
CA GLY A 35 1.71 9.64 -4.22
C GLY A 35 1.21 8.29 -4.71
N PHE A 36 1.92 7.23 -4.31
CA PHE A 36 1.55 5.88 -4.72
C PHE A 36 1.49 4.94 -3.52
N GLY A 37 0.40 4.18 -3.41
CA GLY A 37 0.25 3.26 -2.30
C GLY A 37 0.06 1.82 -2.77
N CYS A 38 -0.29 0.95 -1.84
CA CYS A 38 -0.51 -0.46 -2.16
C CYS A 38 -1.66 -1.03 -1.34
N CYS A 39 -2.44 -1.92 -1.97
CA CYS A 39 -3.58 -2.53 -1.31
C CYS A 39 -3.37 -4.04 -1.17
N ARG A 40 -4.14 -4.66 -0.28
CA ARG A 40 -4.04 -6.10 -0.05
C ARG A 40 -4.28 -6.87 -1.34
N ILE A 41 -3.21 -7.41 -1.92
CA ILE A 41 -3.30 -8.17 -3.15
C ILE A 41 -3.53 -9.66 -2.87
N GLY A 42 -2.67 -10.23 -2.02
CA GLY A 42 -2.78 -11.63 -1.68
C GLY A 42 -3.68 -11.86 -0.48
N ASP A 1 -5.69 5.02 9.25
CA ASP A 1 -4.24 5.02 9.20
C ASP A 1 -3.65 4.38 10.46
N ASP A 2 -3.89 3.09 10.62
CA ASP A 2 -3.37 2.36 11.78
C ASP A 2 -2.96 0.94 11.39
N THR A 3 -2.12 0.83 10.37
CA THR A 3 -1.65 -0.47 9.91
C THR A 3 -0.39 -0.90 10.66
N PRO A 4 -0.10 -2.20 10.63
CA PRO A 4 1.07 -2.78 11.30
C PRO A 4 2.38 -2.38 10.62
N SER A 5 3.47 -2.99 11.05
CA SER A 5 4.78 -2.70 10.48
C SER A 5 4.97 -3.43 9.16
N SER A 6 4.16 -3.07 8.17
CA SER A 6 4.23 -3.70 6.85
C SER A 6 4.93 -2.77 5.86
N ARG A 7 4.81 -3.10 4.57
CA ARG A 7 5.43 -2.32 3.51
C ARG A 7 5.08 -2.87 2.14
N CYS A 8 5.05 -2.00 1.14
CA CYS A 8 4.73 -2.40 -0.22
C CYS A 8 5.75 -3.40 -0.74
N GLY A 9 5.28 -4.61 -1.04
CA GLY A 9 6.17 -5.65 -1.55
C GLY A 9 6.99 -6.30 -0.46
N SER A 10 6.43 -6.34 0.76
CA SER A 10 7.11 -6.94 1.89
C SER A 10 6.32 -8.12 2.44
N GLY A 11 5.07 -8.22 2.03
CA GLY A 11 4.22 -9.32 2.49
C GLY A 11 3.08 -9.61 1.54
N GLY A 12 1.96 -8.92 1.73
CA GLY A 12 0.80 -9.13 0.88
C GLY A 12 0.52 -7.94 -0.01
N TRP A 13 1.23 -6.84 0.22
CA TRP A 13 1.06 -5.63 -0.57
C TRP A 13 1.91 -5.67 -1.83
N GLY A 14 1.31 -5.28 -2.95
CA GLY A 14 2.02 -5.28 -4.22
C GLY A 14 3.25 -4.39 -4.19
N PRO A 15 3.86 -4.17 -5.36
CA PRO A 15 5.05 -3.34 -5.49
C PRO A 15 4.77 -1.87 -5.25
N CYS A 16 3.79 -1.33 -5.98
CA CYS A 16 3.42 0.07 -5.85
C CYS A 16 2.25 0.42 -6.77
N LEU A 17 1.18 0.96 -6.18
CA LEU A 17 0.00 1.33 -6.95
C LEU A 17 -0.38 2.78 -6.71
N PRO A 18 -0.80 3.48 -7.78
CA PRO A 18 -1.19 4.89 -7.70
C PRO A 18 -2.49 5.09 -6.94
N ILE A 19 -2.46 5.95 -5.92
CA ILE A 19 -3.64 6.23 -5.12
C ILE A 19 -4.79 6.73 -5.99
N VAL A 20 -4.46 7.22 -7.17
CA VAL A 20 -5.47 7.73 -8.10
C VAL A 20 -6.50 6.66 -8.45
N ASP A 21 -6.10 5.40 -8.29
CA ASP A 21 -6.98 4.28 -8.59
C ASP A 21 -7.32 3.51 -7.31
N LEU A 22 -6.72 3.92 -6.20
CA LEU A 22 -6.96 3.26 -4.92
C LEU A 22 -8.45 3.01 -4.70
N LEU A 23 -8.75 2.03 -3.85
CA LEU A 23 -10.13 1.68 -3.55
C LEU A 23 -10.33 1.43 -2.06
N CYS A 24 -9.21 1.22 -1.36
CA CYS A 24 -9.25 0.97 0.08
C CYS A 24 -8.89 2.22 0.87
N ILE A 25 -8.96 2.13 2.19
CA ILE A 25 -8.64 3.25 3.05
C ILE A 25 -7.57 2.87 4.07
N VAL A 26 -7.63 1.63 4.56
CA VAL A 26 -6.67 1.14 5.54
C VAL A 26 -5.48 0.48 4.86
N HIS A 27 -5.34 0.74 3.55
CA HIS A 27 -4.24 0.17 2.78
C HIS A 27 -2.90 0.58 3.38
N VAL A 28 -1.81 0.27 2.68
CA VAL A 28 -0.47 0.60 3.14
C VAL A 28 0.26 1.50 2.14
N THR A 29 1.04 2.44 2.65
CA THR A 29 1.78 3.36 1.81
C THR A 29 3.22 3.50 2.29
N VAL A 30 3.83 2.38 2.64
CA VAL A 30 5.21 2.38 3.10
C VAL A 30 6.15 1.74 2.08
N GLY A 31 7.32 2.34 1.90
CA GLY A 31 8.28 1.82 0.95
C GLY A 31 8.00 2.26 -0.46
N CYS A 32 6.87 2.92 -0.67
CA CYS A 32 6.48 3.41 -1.99
C CYS A 32 6.85 4.88 -2.16
N SER A 33 6.52 5.43 -3.32
CA SER A 33 6.81 6.83 -3.61
C SER A 33 5.73 7.75 -3.05
N GLY A 34 6.08 9.01 -2.85
CA GLY A 34 5.12 9.97 -2.32
C GLY A 34 3.95 10.19 -3.26
N GLY A 35 2.87 9.43 -3.05
CA GLY A 35 1.70 9.58 -3.90
C GLY A 35 1.20 8.23 -4.42
N PHE A 36 1.90 7.17 -4.04
CA PHE A 36 1.52 5.83 -4.48
C PHE A 36 1.47 4.86 -3.30
N GLY A 37 0.36 4.12 -3.19
CA GLY A 37 0.21 3.18 -2.10
C GLY A 37 0.00 1.76 -2.60
N CYS A 38 -0.37 0.87 -1.68
CA CYS A 38 -0.59 -0.53 -2.03
C CYS A 38 -1.67 -1.15 -1.13
N CYS A 39 -2.49 -2.02 -1.71
CA CYS A 39 -3.55 -2.68 -0.97
C CYS A 39 -3.33 -4.19 -0.92
N ARG A 40 -4.08 -4.86 -0.06
CA ARG A 40 -3.97 -6.31 0.09
C ARG A 40 -4.31 -7.02 -1.22
N ILE A 41 -3.34 -7.73 -1.78
CA ILE A 41 -3.54 -8.45 -3.02
C ILE A 41 -3.59 -9.96 -2.79
N GLY A 42 -2.57 -10.47 -2.10
CA GLY A 42 -2.52 -11.91 -1.81
C GLY A 42 -1.76 -12.21 -0.54
N ASP A 1 -7.15 2.88 14.07
CA ASP A 1 -6.74 3.70 12.94
C ASP A 1 -5.22 3.73 12.82
N ASP A 2 -4.63 2.59 12.49
CA ASP A 2 -3.18 2.49 12.34
C ASP A 2 -2.78 1.11 11.84
N THR A 3 -2.11 1.07 10.69
CA THR A 3 -1.67 -0.19 10.11
C THR A 3 -0.42 -0.72 10.80
N PRO A 4 -0.17 -2.03 10.66
CA PRO A 4 1.00 -2.68 11.27
C PRO A 4 2.31 -2.26 10.61
N SER A 5 3.41 -2.87 11.03
CA SER A 5 4.72 -2.55 10.47
C SER A 5 4.94 -3.26 9.13
N SER A 6 4.07 -2.97 8.17
CA SER A 6 4.15 -3.58 6.86
C SER A 6 4.92 -2.68 5.89
N ARG A 7 4.83 -3.00 4.60
CA ARG A 7 5.51 -2.21 3.57
C ARG A 7 5.21 -2.77 2.18
N CYS A 8 5.05 -1.87 1.21
CA CYS A 8 4.76 -2.27 -0.16
C CYS A 8 5.76 -3.32 -0.64
N GLY A 9 5.25 -4.47 -1.06
CA GLY A 9 6.11 -5.53 -1.53
C GLY A 9 6.90 -6.19 -0.42
N SER A 10 6.30 -6.24 0.77
CA SER A 10 6.95 -6.84 1.93
C SER A 10 6.16 -8.04 2.43
N GLY A 11 4.92 -8.16 1.97
CA GLY A 11 4.07 -9.26 2.38
C GLY A 11 2.93 -9.51 1.43
N GLY A 12 1.82 -8.80 1.64
CA GLY A 12 0.66 -8.96 0.77
C GLY A 12 0.44 -7.77 -0.13
N TRP A 13 1.20 -6.70 0.10
CA TRP A 13 1.08 -5.48 -0.69
C TRP A 13 1.95 -5.57 -1.94
N GLY A 14 1.37 -5.19 -3.08
CA GLY A 14 2.12 -5.23 -4.33
C GLY A 14 3.35 -4.33 -4.30
N PRO A 15 3.97 -4.14 -5.47
CA PRO A 15 5.16 -3.31 -5.60
C PRO A 15 4.87 -1.82 -5.41
N CYS A 16 3.91 -1.31 -6.18
CA CYS A 16 3.53 0.10 -6.09
C CYS A 16 2.34 0.39 -7.00
N LEU A 17 1.28 0.94 -6.41
CA LEU A 17 0.08 1.28 -7.16
C LEU A 17 -0.32 2.73 -6.93
N PRO A 18 -0.78 3.39 -8.01
CA PRO A 18 -1.20 4.80 -7.95
C PRO A 18 -2.49 4.98 -7.15
N ILE A 19 -2.45 5.86 -6.17
CA ILE A 19 -3.63 6.13 -5.34
C ILE A 19 -4.81 6.58 -6.20
N VAL A 20 -4.52 7.06 -7.40
CA VAL A 20 -5.56 7.52 -8.31
C VAL A 20 -6.56 6.41 -8.62
N ASP A 21 -6.11 5.17 -8.45
CA ASP A 21 -6.96 4.00 -8.72
C ASP A 21 -7.25 3.25 -7.43
N LEU A 22 -6.66 3.70 -6.33
CA LEU A 22 -6.84 3.06 -5.03
C LEU A 22 -8.32 2.75 -4.79
N LEU A 23 -8.58 1.81 -3.88
CA LEU A 23 -9.95 1.43 -3.56
C LEU A 23 -10.12 1.26 -2.05
N CYS A 24 -9.00 1.17 -1.34
CA CYS A 24 -9.03 1.00 0.11
C CYS A 24 -8.62 2.30 0.81
N ILE A 25 -8.77 2.32 2.13
CA ILE A 25 -8.42 3.49 2.92
C ILE A 25 -7.33 3.17 3.94
N VAL A 26 -7.42 1.97 4.52
CA VAL A 26 -6.44 1.53 5.50
C VAL A 26 -5.27 0.80 4.85
N HIS A 27 -5.16 0.95 3.53
CA HIS A 27 -4.09 0.31 2.77
C HIS A 27 -2.73 0.72 3.32
N VAL A 28 -1.67 0.34 2.60
CA VAL A 28 -0.31 0.67 3.02
C VAL A 28 0.40 1.51 1.96
N THR A 29 1.18 2.49 2.42
CA THR A 29 1.91 3.37 1.51
C THR A 29 3.36 3.52 1.96
N VAL A 30 3.93 2.45 2.48
CA VAL A 30 5.31 2.45 2.94
C VAL A 30 6.23 1.75 1.94
N GLY A 31 7.42 2.30 1.75
CA GLY A 31 8.37 1.72 0.83
C GLY A 31 8.13 2.15 -0.61
N CYS A 32 7.01 2.83 -0.83
CA CYS A 32 6.66 3.31 -2.17
C CYS A 32 7.02 4.79 -2.33
N SER A 33 6.71 5.34 -3.50
CA SER A 33 7.01 6.74 -3.78
C SER A 33 5.85 7.63 -3.35
N GLY A 34 6.19 8.85 -2.91
CA GLY A 34 5.17 9.78 -2.47
C GLY A 34 4.09 9.99 -3.52
N GLY A 35 2.91 9.43 -3.29
CA GLY A 35 1.81 9.56 -4.23
C GLY A 35 1.30 8.23 -4.72
N PHE A 36 1.99 7.16 -4.35
CA PHE A 36 1.59 5.81 -4.77
C PHE A 36 1.56 4.87 -3.57
N GLY A 37 0.47 4.13 -3.45
CA GLY A 37 0.32 3.19 -2.35
C GLY A 37 0.11 1.76 -2.82
N CYS A 38 -0.22 0.88 -1.88
CA CYS A 38 -0.45 -0.52 -2.22
C CYS A 38 -1.58 -1.10 -1.37
N CYS A 39 -2.37 -1.98 -1.96
CA CYS A 39 -3.49 -2.61 -1.27
C CYS A 39 -3.28 -4.12 -1.17
N ARG A 40 -4.00 -4.76 -0.24
CA ARG A 40 -3.90 -6.19 -0.05
C ARG A 40 -4.19 -6.94 -1.35
N ILE A 41 -3.14 -7.47 -1.97
CA ILE A 41 -3.28 -8.20 -3.21
C ILE A 41 -3.49 -9.69 -2.95
N GLY A 42 -2.60 -10.28 -2.16
CA GLY A 42 -2.70 -11.69 -1.83
C GLY A 42 -3.39 -11.93 -0.51
N ASP A 1 -5.43 4.49 9.07
CA ASP A 1 -6.19 3.86 10.14
C ASP A 1 -5.28 3.03 11.04
N ASP A 2 -4.03 3.47 11.16
CA ASP A 2 -3.05 2.78 12.00
C ASP A 2 -2.79 1.37 11.47
N THR A 3 -1.74 1.23 10.67
CA THR A 3 -1.38 -0.06 10.10
C THR A 3 -0.16 -0.66 10.79
N PRO A 4 0.01 -1.98 10.66
CA PRO A 4 1.14 -2.69 11.27
C PRO A 4 2.46 -2.36 10.60
N SER A 5 3.53 -3.05 11.02
CA SER A 5 4.85 -2.82 10.45
C SER A 5 5.01 -3.54 9.12
N SER A 6 4.28 -3.08 8.11
CA SER A 6 4.34 -3.69 6.78
C SER A 6 5.04 -2.77 5.80
N ARG A 7 4.92 -3.09 4.51
CA ARG A 7 5.55 -2.28 3.47
C ARG A 7 5.25 -2.86 2.08
N CYS A 8 5.05 -1.98 1.11
CA CYS A 8 4.76 -2.40 -0.25
C CYS A 8 5.79 -3.41 -0.75
N GLY A 9 5.32 -4.61 -1.10
CA GLY A 9 6.20 -5.65 -1.58
C GLY A 9 7.02 -6.27 -0.47
N SER A 10 6.45 -6.30 0.74
CA SER A 10 7.14 -6.88 1.89
C SER A 10 6.36 -8.07 2.45
N GLY A 11 5.11 -8.20 2.00
CA GLY A 11 4.28 -9.30 2.47
C GLY A 11 3.13 -9.60 1.53
N GLY A 12 2.01 -8.90 1.72
CA GLY A 12 0.85 -9.12 0.88
C GLY A 12 0.56 -7.93 -0.02
N TRP A 13 1.27 -6.83 0.21
CA TRP A 13 1.09 -5.62 -0.58
C TRP A 13 1.93 -5.67 -1.85
N GLY A 14 1.33 -5.28 -2.96
CA GLY A 14 2.03 -5.28 -4.24
C GLY A 14 3.27 -4.40 -4.22
N PRO A 15 3.86 -4.18 -5.40
CA PRO A 15 5.06 -3.35 -5.54
C PRO A 15 4.77 -1.87 -5.30
N CYS A 16 3.79 -1.34 -6.03
CA CYS A 16 3.42 0.07 -5.89
C CYS A 16 2.24 0.40 -6.80
N LEU A 17 1.18 0.95 -6.22
CA LEU A 17 -0.01 1.32 -6.98
C LEU A 17 -0.37 2.78 -6.74
N PRO A 18 -0.80 3.47 -7.81
CA PRO A 18 -1.19 4.88 -7.74
C PRO A 18 -2.49 5.08 -6.97
N ILE A 19 -2.44 5.95 -5.95
CA ILE A 19 -3.62 6.24 -5.14
C ILE A 19 -4.77 6.74 -6.01
N VAL A 20 -4.45 7.23 -7.20
CA VAL A 20 -5.45 7.73 -8.12
C VAL A 20 -6.49 6.66 -8.46
N ASP A 21 -6.08 5.40 -8.32
CA ASP A 21 -6.96 4.28 -8.61
C ASP A 21 -7.29 3.49 -7.34
N LEU A 22 -6.70 3.92 -6.23
CA LEU A 22 -6.93 3.26 -4.94
C LEU A 22 -8.42 3.00 -4.73
N LEU A 23 -8.72 2.02 -3.88
CA LEU A 23 -10.10 1.67 -3.58
C LEU A 23 -10.29 1.41 -2.09
N CYS A 24 -9.19 1.22 -1.38
CA CYS A 24 -9.23 0.97 0.05
C CYS A 24 -8.85 2.23 0.84
N ILE A 25 -8.94 2.14 2.16
CA ILE A 25 -8.62 3.27 3.02
C ILE A 25 -7.55 2.90 4.04
N VAL A 26 -7.61 1.66 4.53
CA VAL A 26 -6.65 1.17 5.51
C VAL A 26 -5.45 0.52 4.82
N HIS A 27 -5.31 0.77 3.52
CA HIS A 27 -4.21 0.22 2.76
C HIS A 27 -2.86 0.62 3.36
N VAL A 28 -1.79 0.31 2.64
CA VAL A 28 -0.45 0.64 3.11
C VAL A 28 0.29 1.53 2.11
N THR A 29 1.05 2.48 2.63
CA THR A 29 1.80 3.41 1.78
C THR A 29 3.25 3.53 2.24
N VAL A 30 3.86 2.40 2.58
CA VAL A 30 5.24 2.39 3.06
C VAL A 30 6.16 1.73 2.03
N GLY A 31 7.34 2.32 1.84
CA GLY A 31 8.29 1.78 0.89
C GLY A 31 8.01 2.23 -0.54
N CYS A 32 6.88 2.90 -0.73
CA CYS A 32 6.49 3.39 -2.04
C CYS A 32 6.87 4.86 -2.21
N SER A 33 6.54 5.42 -3.37
CA SER A 33 6.85 6.82 -3.66
C SER A 33 5.75 7.74 -3.12
N GLY A 34 6.11 9.00 -2.90
CA GLY A 34 5.15 9.96 -2.38
C GLY A 34 3.99 10.18 -3.32
N GLY A 35 2.90 9.44 -3.12
CA GLY A 35 1.74 9.57 -3.96
C GLY A 35 1.24 8.24 -4.48
N PHE A 36 1.92 7.16 -4.10
CA PHE A 36 1.54 5.82 -4.53
C PHE A 36 1.48 4.87 -3.34
N GLY A 37 0.39 4.13 -3.23
CA GLY A 37 0.23 3.18 -2.14
C GLY A 37 0.03 1.76 -2.62
N CYS A 38 -0.34 0.87 -1.70
CA CYS A 38 -0.57 -0.52 -2.05
C CYS A 38 -1.63 -1.14 -1.13
N CYS A 39 -2.46 -2.02 -1.71
CA CYS A 39 -3.51 -2.67 -0.96
C CYS A 39 -3.27 -4.18 -0.88
N ARG A 40 -4.01 -4.84 0.00
CA ARG A 40 -3.89 -6.29 0.17
C ARG A 40 -4.23 -7.03 -1.12
N ILE A 41 -3.23 -7.67 -1.71
CA ILE A 41 -3.43 -8.41 -2.95
C ILE A 41 -3.53 -9.91 -2.68
N GLY A 42 -2.55 -10.44 -1.97
CA GLY A 42 -2.55 -11.86 -1.66
C GLY A 42 -3.67 -12.24 -0.72
N ASP A 1 -6.96 2.73 13.71
CA ASP A 1 -7.08 3.30 12.38
C ASP A 1 -5.71 3.42 11.71
N ASP A 2 -4.93 2.35 11.75
CA ASP A 2 -3.60 2.34 11.16
C ASP A 2 -3.22 0.94 10.70
N THR A 3 -1.95 0.77 10.35
CA THR A 3 -1.46 -0.53 9.90
C THR A 3 -0.17 -0.91 10.62
N PRO A 4 0.15 -2.21 10.61
CA PRO A 4 1.35 -2.74 11.26
C PRO A 4 2.63 -2.32 10.55
N SER A 5 3.75 -2.89 10.96
CA SER A 5 5.03 -2.58 10.36
C SER A 5 5.22 -3.33 9.04
N SER A 6 4.40 -2.96 8.05
CA SER A 6 4.46 -3.61 6.74
C SER A 6 5.14 -2.69 5.72
N ARG A 7 5.02 -3.03 4.45
CA ARG A 7 5.62 -2.25 3.38
C ARG A 7 5.32 -2.87 2.01
N CYS A 8 5.11 -2.02 1.01
CA CYS A 8 4.81 -2.48 -0.34
C CYS A 8 5.85 -3.49 -0.81
N GLY A 9 5.40 -4.70 -1.10
CA GLY A 9 6.31 -5.74 -1.57
C GLY A 9 7.08 -6.37 -0.43
N SER A 10 6.52 -6.33 0.78
CA SER A 10 7.17 -6.89 1.95
C SER A 10 6.33 -8.03 2.53
N GLY A 11 5.04 -8.04 2.22
CA GLY A 11 4.17 -9.08 2.72
C GLY A 11 3.02 -9.37 1.76
N GLY A 12 1.87 -8.74 2.00
CA GLY A 12 0.72 -8.96 1.15
C GLY A 12 0.45 -7.79 0.22
N TRP A 13 1.19 -6.70 0.42
CA TRP A 13 1.02 -5.51 -0.41
C TRP A 13 1.87 -5.61 -1.67
N GLY A 14 1.27 -5.25 -2.80
CA GLY A 14 1.98 -5.30 -4.07
C GLY A 14 3.23 -4.43 -4.07
N PRO A 15 3.83 -4.26 -5.25
CA PRO A 15 5.04 -3.44 -5.42
C PRO A 15 4.76 -1.95 -5.23
N CYS A 16 3.80 -1.43 -5.98
CA CYS A 16 3.44 -0.03 -5.90
C CYS A 16 2.27 0.29 -6.82
N LEU A 17 1.22 0.87 -6.26
CA LEU A 17 0.03 1.23 -7.03
C LEU A 17 -0.33 2.69 -6.82
N PRO A 18 -0.75 3.36 -7.92
CA PRO A 18 -1.14 4.77 -7.88
C PRO A 18 -2.44 5.00 -7.12
N ILE A 19 -2.39 5.89 -6.13
CA ILE A 19 -3.56 6.21 -5.33
C ILE A 19 -4.72 6.69 -6.20
N VAL A 20 -4.38 7.15 -7.40
CA VAL A 20 -5.40 7.64 -8.33
C VAL A 20 -6.43 6.56 -8.65
N ASP A 21 -6.05 5.30 -8.46
CA ASP A 21 -6.94 4.18 -8.71
C ASP A 21 -7.27 3.44 -7.41
N LEU A 22 -6.67 3.89 -6.31
CA LEU A 22 -6.91 3.27 -5.02
C LEU A 22 -8.39 3.04 -4.78
N LEU A 23 -8.71 2.10 -3.90
CA LEU A 23 -10.10 1.78 -3.58
C LEU A 23 -10.28 1.58 -2.08
N CYS A 24 -9.17 1.38 -1.38
CA CYS A 24 -9.20 1.17 0.06
C CYS A 24 -8.82 2.45 0.81
N ILE A 25 -8.88 2.39 2.13
CA ILE A 25 -8.54 3.55 2.96
C ILE A 25 -7.47 3.18 3.98
N VAL A 26 -7.54 1.96 4.51
CA VAL A 26 -6.58 1.49 5.50
C VAL A 26 -5.40 0.82 4.82
N HIS A 27 -5.25 1.03 3.51
CA HIS A 27 -4.16 0.44 2.75
C HIS A 27 -2.82 0.84 3.34
N VAL A 28 -1.73 0.51 2.64
CA VAL A 28 -0.39 0.82 3.08
C VAL A 28 0.35 1.66 2.05
N THR A 29 1.15 2.61 2.52
CA THR A 29 1.91 3.48 1.64
C THR A 29 3.36 3.60 2.10
N VAL A 30 3.95 2.47 2.47
CA VAL A 30 5.33 2.44 2.93
C VAL A 30 6.24 1.77 1.90
N GLY A 31 7.43 2.34 1.70
CA GLY A 31 8.37 1.79 0.75
C GLY A 31 8.08 2.22 -0.67
N CYS A 32 6.96 2.92 -0.87
CA CYS A 32 6.57 3.39 -2.18
C CYS A 32 6.95 4.86 -2.37
N SER A 33 6.62 5.41 -3.53
CA SER A 33 6.93 6.80 -3.83
C SER A 33 5.84 7.73 -3.30
N GLY A 34 6.20 9.00 -3.12
CA GLY A 34 5.23 9.97 -2.62
C GLY A 34 4.07 10.17 -3.56
N GLY A 35 3.00 9.42 -3.36
CA GLY A 35 1.83 9.54 -4.22
C GLY A 35 1.32 8.19 -4.70
N PHE A 36 2.01 7.13 -4.31
CA PHE A 36 1.62 5.78 -4.70
C PHE A 36 1.57 4.85 -3.49
N GLY A 37 0.46 4.13 -3.35
CA GLY A 37 0.30 3.21 -2.25
C GLY A 37 0.07 1.79 -2.69
N CYS A 38 -0.30 0.92 -1.75
CA CYS A 38 -0.56 -0.48 -2.06
C CYS A 38 -1.64 -1.05 -1.14
N CYS A 39 -2.47 -1.92 -1.69
CA CYS A 39 -3.55 -2.54 -0.92
C CYS A 39 -3.35 -4.05 -0.83
N ARG A 40 -4.11 -4.68 0.06
CA ARG A 40 -4.02 -6.13 0.24
C ARG A 40 -4.38 -6.86 -1.04
N ILE A 41 -3.41 -7.59 -1.58
CA ILE A 41 -3.61 -8.35 -2.81
C ILE A 41 -3.70 -9.85 -2.53
N GLY A 42 -2.70 -10.37 -1.83
CA GLY A 42 -2.68 -11.78 -1.50
C GLY A 42 -2.32 -12.64 -2.68
N ASP A 1 -5.71 6.18 10.07
CA ASP A 1 -4.56 5.81 9.25
C ASP A 1 -3.48 5.12 10.09
N ASP A 2 -3.86 4.02 10.73
CA ASP A 2 -2.93 3.28 11.57
C ASP A 2 -2.75 1.85 11.06
N THR A 3 -1.71 1.63 10.27
CA THR A 3 -1.43 0.31 9.71
C THR A 3 -0.35 -0.41 10.51
N PRO A 4 -0.31 -1.74 10.38
CA PRO A 4 0.67 -2.58 11.08
C PRO A 4 2.09 -2.38 10.55
N SER A 5 3.00 -3.20 11.03
CA SER A 5 4.41 -3.11 10.62
C SER A 5 4.61 -3.79 9.27
N SER A 6 3.91 -3.31 8.25
CA SER A 6 4.01 -3.89 6.91
C SER A 6 4.77 -2.95 5.98
N ARG A 7 4.69 -3.24 4.68
CA ARG A 7 5.37 -2.42 3.68
C ARG A 7 5.06 -2.93 2.27
N CYS A 8 5.04 -2.00 1.32
CA CYS A 8 4.76 -2.35 -0.08
C CYS A 8 5.77 -3.37 -0.59
N GLY A 9 5.26 -4.52 -1.05
CA GLY A 9 6.13 -5.56 -1.57
C GLY A 9 6.94 -6.24 -0.48
N SER A 10 6.36 -6.31 0.72
CA SER A 10 7.04 -6.92 1.86
C SER A 10 6.24 -8.13 2.36
N GLY A 11 4.98 -8.23 1.94
CA GLY A 11 4.15 -9.33 2.35
C GLY A 11 3.02 -9.61 1.37
N GLY A 12 1.90 -8.91 1.54
CA GLY A 12 0.76 -9.10 0.66
C GLY A 12 0.51 -7.89 -0.21
N TRP A 13 1.22 -6.80 0.06
CA TRP A 13 1.06 -5.57 -0.72
C TRP A 13 1.95 -5.60 -1.96
N GLY A 14 1.38 -5.20 -3.10
CA GLY A 14 2.12 -5.19 -4.33
C GLY A 14 3.34 -4.29 -4.27
N PRO A 15 3.98 -4.04 -5.43
CA PRO A 15 5.16 -3.19 -5.52
C PRO A 15 4.85 -1.72 -5.28
N CYS A 16 3.93 -1.19 -6.07
CA CYS A 16 3.53 0.21 -5.94
C CYS A 16 2.34 0.52 -6.83
N LEU A 17 1.27 1.04 -6.22
CA LEU A 17 0.06 1.38 -6.97
C LEU A 17 -0.36 2.82 -6.68
N PRO A 18 -0.83 3.51 -7.73
CA PRO A 18 -1.27 4.91 -7.62
C PRO A 18 -2.57 5.04 -6.84
N ILE A 19 -2.55 5.88 -5.81
CA ILE A 19 -3.73 6.10 -4.97
C ILE A 19 -4.91 6.57 -5.81
N VAL A 20 -4.62 7.10 -6.99
CA VAL A 20 -5.66 7.59 -7.88
C VAL A 20 -6.65 6.48 -8.23
N ASP A 21 -6.19 5.23 -8.11
CA ASP A 21 -7.04 4.08 -8.42
C ASP A 21 -7.34 3.27 -7.16
N LEU A 22 -6.75 3.69 -6.04
CA LEU A 22 -6.95 3.01 -4.76
C LEU A 22 -8.43 2.71 -4.53
N LEU A 23 -8.70 1.72 -3.69
CA LEU A 23 -10.08 1.34 -3.38
C LEU A 23 -10.24 1.06 -1.90
N CYS A 24 -9.12 0.88 -1.20
CA CYS A 24 -9.14 0.62 0.24
C CYS A 24 -8.75 1.86 1.03
N ILE A 25 -8.91 1.79 2.35
CA ILE A 25 -8.57 2.91 3.22
C ILE A 25 -7.48 2.52 4.21
N VAL A 26 -7.52 1.27 4.67
CA VAL A 26 -6.54 0.77 5.62
C VAL A 26 -5.33 0.17 4.91
N HIS A 27 -5.22 0.46 3.61
CA HIS A 27 -4.11 -0.05 2.82
C HIS A 27 -2.77 0.36 3.41
N VAL A 28 -1.70 0.09 2.68
CA VAL A 28 -0.35 0.44 3.14
C VAL A 28 0.36 1.34 2.13
N THR A 29 1.12 2.30 2.64
CA THR A 29 1.86 3.23 1.79
C THR A 29 3.29 3.39 2.25
N VAL A 30 3.91 2.28 2.63
CA VAL A 30 5.29 2.29 3.09
C VAL A 30 6.23 1.67 2.07
N GLY A 31 7.41 2.26 1.90
CA GLY A 31 8.37 1.75 0.95
C GLY A 31 8.11 2.23 -0.47
N CYS A 32 6.98 2.90 -0.65
CA CYS A 32 6.60 3.42 -1.97
C CYS A 32 6.92 4.91 -2.08
N SER A 33 6.60 5.49 -3.23
CA SER A 33 6.85 6.90 -3.48
C SER A 33 5.70 7.76 -2.97
N GLY A 34 6.02 8.97 -2.52
CA GLY A 34 4.99 9.87 -2.02
C GLY A 34 3.89 10.10 -3.03
N GLY A 35 2.75 9.43 -2.83
CA GLY A 35 1.63 9.57 -3.73
C GLY A 35 1.15 8.25 -4.28
N PHE A 36 1.87 7.18 -3.96
CA PHE A 36 1.50 5.85 -4.42
C PHE A 36 1.50 4.85 -3.27
N GLY A 37 0.41 4.09 -3.16
CA GLY A 37 0.30 3.11 -2.10
C GLY A 37 0.09 1.71 -2.62
N CYS A 38 -0.23 0.78 -1.72
CA CYS A 38 -0.45 -0.61 -2.10
C CYS A 38 -1.60 -1.22 -1.29
N CYS A 39 -2.39 -2.06 -1.94
CA CYS A 39 -3.52 -2.71 -1.28
C CYS A 39 -3.32 -4.22 -1.22
N ARG A 40 -4.07 -4.88 -0.35
CA ARG A 40 -3.97 -6.33 -0.20
C ARG A 40 -4.29 -7.04 -1.52
N ILE A 41 -3.24 -7.57 -2.16
CA ILE A 41 -3.41 -8.27 -3.43
C ILE A 41 -3.58 -9.76 -3.21
N GLY A 42 -2.65 -10.35 -2.45
CA GLY A 42 -2.73 -11.78 -2.17
C GLY A 42 -2.47 -12.10 -0.71
N ASP A 1 -4.42 5.48 10.37
CA ASP A 1 -2.97 5.42 10.27
C ASP A 1 -2.39 4.50 11.34
N ASP A 2 -3.11 3.43 11.64
CA ASP A 2 -2.67 2.47 12.65
C ASP A 2 -2.51 1.08 12.04
N THR A 3 -1.52 0.94 11.16
CA THR A 3 -1.24 -0.34 10.50
C THR A 3 -0.06 -1.05 11.14
N PRO A 4 0.02 -2.38 10.93
CA PRO A 4 1.10 -3.19 11.47
C PRO A 4 2.44 -2.91 10.81
N SER A 5 3.44 -3.74 11.10
CA SER A 5 4.76 -3.57 10.53
C SER A 5 4.82 -4.14 9.12
N SER A 6 3.97 -3.62 8.25
CA SER A 6 3.91 -4.08 6.86
C SER A 6 4.44 -3.00 5.92
N ARG A 7 4.90 -3.43 4.75
CA ARG A 7 5.43 -2.49 3.75
C ARG A 7 5.17 -3.01 2.34
N CYS A 8 5.00 -2.08 1.40
CA CYS A 8 4.75 -2.44 0.01
C CYS A 8 5.80 -3.42 -0.50
N GLY A 9 5.35 -4.58 -0.97
CA GLY A 9 6.27 -5.57 -1.49
C GLY A 9 7.00 -6.31 -0.38
N SER A 10 6.42 -6.29 0.82
CA SER A 10 7.04 -6.96 1.97
C SER A 10 6.14 -8.10 2.47
N GLY A 11 4.85 -7.98 2.19
CA GLY A 11 3.91 -9.00 2.63
C GLY A 11 2.82 -9.28 1.60
N GLY A 12 1.63 -8.74 1.83
CA GLY A 12 0.54 -8.94 0.90
C GLY A 12 0.32 -7.75 -0.01
N TRP A 13 1.03 -6.66 0.26
CA TRP A 13 0.92 -5.45 -0.55
C TRP A 13 1.85 -5.50 -1.74
N GLY A 14 1.33 -5.14 -2.91
CA GLY A 14 2.13 -5.16 -4.12
C GLY A 14 3.34 -4.24 -4.03
N PRO A 15 4.02 -4.04 -5.17
CA PRO A 15 5.21 -3.18 -5.24
C PRO A 15 4.87 -1.71 -5.05
N CYS A 16 3.97 -1.21 -5.90
CA CYS A 16 3.57 0.19 -5.83
C CYS A 16 2.41 0.47 -6.78
N LEU A 17 1.32 1.00 -6.24
CA LEU A 17 0.14 1.30 -7.04
C LEU A 17 -0.29 2.76 -6.84
N PRO A 18 -0.72 3.41 -7.93
CA PRO A 18 -1.18 4.80 -7.89
C PRO A 18 -2.50 4.96 -7.16
N ILE A 19 -2.53 5.84 -6.17
CA ILE A 19 -3.74 6.08 -5.38
C ILE A 19 -4.89 6.53 -6.29
N VAL A 20 -4.55 7.01 -7.47
CA VAL A 20 -5.56 7.46 -8.43
C VAL A 20 -6.52 6.34 -8.77
N ASP A 21 -6.08 5.10 -8.60
CA ASP A 21 -6.91 3.94 -8.89
C ASP A 21 -7.24 3.17 -7.61
N LEU A 22 -6.69 3.63 -6.49
CA LEU A 22 -6.93 2.98 -5.20
C LEU A 22 -8.41 2.67 -5.02
N LEU A 23 -8.70 1.72 -4.13
CA LEU A 23 -10.07 1.32 -3.86
C LEU A 23 -10.29 1.13 -2.36
N CYS A 24 -9.20 1.04 -1.61
CA CYS A 24 -9.27 0.85 -0.17
C CYS A 24 -8.92 2.15 0.56
N ILE A 25 -9.12 2.16 1.88
CA ILE A 25 -8.82 3.33 2.69
C ILE A 25 -7.77 3.01 3.75
N VAL A 26 -7.85 1.81 4.31
CA VAL A 26 -6.90 1.38 5.33
C VAL A 26 -5.70 0.69 4.70
N HIS A 27 -5.53 0.87 3.40
CA HIS A 27 -4.42 0.26 2.68
C HIS A 27 -3.08 0.69 3.29
N VAL A 28 -1.99 0.32 2.62
CA VAL A 28 -0.65 0.67 3.10
C VAL A 28 0.09 1.52 2.08
N THR A 29 0.86 2.48 2.57
CA THR A 29 1.62 3.37 1.70
C THR A 29 3.07 3.52 2.19
N VAL A 30 3.65 2.41 2.63
CA VAL A 30 5.02 2.42 3.13
C VAL A 30 5.98 1.79 2.12
N GLY A 31 7.16 2.39 1.98
CA GLY A 31 8.15 1.88 1.05
C GLY A 31 7.91 2.36 -0.37
N CYS A 32 6.78 3.03 -0.58
CA CYS A 32 6.44 3.55 -1.90
C CYS A 32 6.78 5.03 -2.01
N SER A 33 6.50 5.62 -3.17
CA SER A 33 6.77 7.03 -3.41
C SER A 33 5.59 7.89 -2.99
N GLY A 34 5.87 9.12 -2.59
CA GLY A 34 4.82 10.03 -2.17
C GLY A 34 3.77 10.22 -3.23
N GLY A 35 2.64 9.53 -3.09
CA GLY A 35 1.57 9.64 -4.06
C GLY A 35 1.10 8.29 -4.57
N PHE A 36 1.81 7.23 -4.18
CA PHE A 36 1.47 5.88 -4.61
C PHE A 36 1.42 4.94 -3.42
N GLY A 37 0.33 4.17 -3.32
CA GLY A 37 0.18 3.23 -2.23
C GLY A 37 -0.01 1.80 -2.72
N CYS A 38 -0.36 0.91 -1.80
CA CYS A 38 -0.56 -0.50 -2.13
C CYS A 38 -1.73 -1.08 -1.34
N CYS A 39 -2.48 -1.96 -1.98
CA CYS A 39 -3.63 -2.60 -1.33
C CYS A 39 -3.42 -4.10 -1.22
N ARG A 40 -4.19 -4.73 -0.34
CA ARG A 40 -4.09 -6.17 -0.13
C ARG A 40 -4.32 -6.93 -1.43
N ILE A 41 -3.24 -7.45 -2.01
CA ILE A 41 -3.33 -8.20 -3.26
C ILE A 41 -3.54 -9.68 -2.99
N GLY A 42 -2.69 -10.27 -2.16
CA GLY A 42 -2.81 -11.68 -1.83
C GLY A 42 -1.49 -12.30 -1.43
N ASP A 1 -8.83 -1.75 10.98
CA ASP A 1 -8.33 -0.66 11.82
C ASP A 1 -6.97 -1.02 12.42
N ASP A 2 -5.99 -1.24 11.53
CA ASP A 2 -4.64 -1.59 11.97
C ASP A 2 -3.63 -1.35 10.85
N THR A 3 -2.47 -0.81 11.20
CA THR A 3 -1.43 -0.53 10.23
C THR A 3 -0.05 -0.65 10.87
N PRO A 4 0.50 -1.86 10.88
CA PRO A 4 1.83 -2.13 11.45
C PRO A 4 2.96 -1.53 10.62
N SER A 5 4.19 -1.84 10.98
CA SER A 5 5.35 -1.33 10.27
C SER A 5 5.62 -2.14 9.01
N SER A 6 4.65 -2.13 8.10
CA SER A 6 4.78 -2.87 6.85
C SER A 6 5.16 -1.94 5.70
N ARG A 7 5.04 -2.44 4.48
CA ARG A 7 5.38 -1.65 3.29
C ARG A 7 5.02 -2.40 2.02
N CYS A 8 5.12 -1.71 0.89
CA CYS A 8 4.81 -2.31 -0.41
C CYS A 8 5.82 -3.40 -0.76
N GLY A 9 5.34 -4.62 -0.98
CA GLY A 9 6.22 -5.71 -1.32
C GLY A 9 6.91 -6.31 -0.11
N SER A 10 6.18 -6.37 1.01
CA SER A 10 6.73 -6.92 2.25
C SER A 10 5.91 -8.11 2.72
N GLY A 11 4.61 -8.08 2.43
CA GLY A 11 3.74 -9.17 2.83
C GLY A 11 2.55 -9.33 1.91
N GLY A 12 1.48 -8.58 2.19
CA GLY A 12 0.28 -8.66 1.38
C GLY A 12 0.14 -7.47 0.44
N TRP A 13 1.00 -6.48 0.63
CA TRP A 13 0.97 -5.28 -0.20
C TRP A 13 1.78 -5.48 -1.48
N GLY A 14 1.19 -5.16 -2.62
CA GLY A 14 1.87 -5.30 -3.89
C GLY A 14 3.13 -4.47 -3.97
N PRO A 15 3.71 -4.37 -5.17
CA PRO A 15 4.93 -3.60 -5.40
C PRO A 15 4.70 -2.10 -5.29
N CYS A 16 3.72 -1.59 -6.03
CA CYS A 16 3.40 -0.17 -6.01
C CYS A 16 2.21 0.12 -6.91
N LEU A 17 1.19 0.76 -6.34
CA LEU A 17 -0.02 1.10 -7.10
C LEU A 17 -0.34 2.59 -6.96
N PRO A 18 -0.78 3.20 -8.07
CA PRO A 18 -1.13 4.62 -8.10
C PRO A 18 -2.40 4.93 -7.31
N ILE A 19 -2.30 5.87 -6.38
CA ILE A 19 -3.43 6.25 -5.55
C ILE A 19 -4.60 6.72 -6.42
N VAL A 20 -4.30 7.10 -7.65
CA VAL A 20 -5.33 7.57 -8.58
C VAL A 20 -6.40 6.52 -8.78
N ASP A 21 -6.04 5.26 -8.55
CA ASP A 21 -6.97 4.15 -8.72
C ASP A 21 -7.28 3.49 -7.37
N LEU A 22 -6.62 3.98 -6.32
CA LEU A 22 -6.82 3.44 -4.98
C LEU A 22 -8.31 3.25 -4.68
N LEU A 23 -8.61 2.36 -3.74
CA LEU A 23 -10.00 2.09 -3.36
C LEU A 23 -10.13 1.96 -1.85
N CYS A 24 -9.01 1.78 -1.17
CA CYS A 24 -8.99 1.65 0.28
C CYS A 24 -8.55 2.95 0.94
N ILE A 25 -8.57 2.97 2.27
CA ILE A 25 -8.17 4.15 3.01
C ILE A 25 -7.08 3.81 4.02
N VAL A 26 -7.18 2.63 4.63
CA VAL A 26 -6.19 2.19 5.60
C VAL A 26 -5.06 1.42 4.94
N HIS A 27 -4.96 1.55 3.62
CA HIS A 27 -3.92 0.87 2.86
C HIS A 27 -2.53 1.25 3.37
N VAL A 28 -1.51 0.83 2.65
CA VAL A 28 -0.13 1.14 3.02
C VAL A 28 0.58 1.92 1.93
N THR A 29 1.42 2.86 2.34
CA THR A 29 2.18 3.69 1.39
C THR A 29 3.63 3.80 1.80
N VAL A 30 4.22 2.68 2.21
CA VAL A 30 5.62 2.67 2.63
C VAL A 30 6.49 1.93 1.61
N GLY A 31 7.68 2.46 1.37
CA GLY A 31 8.58 1.84 0.41
C GLY A 31 8.25 2.21 -1.02
N CYS A 32 7.14 2.91 -1.21
CA CYS A 32 6.73 3.32 -2.55
C CYS A 32 7.13 4.77 -2.82
N SER A 33 6.79 5.26 -4.01
CA SER A 33 7.12 6.63 -4.39
C SER A 33 6.08 7.61 -3.88
N GLY A 34 6.47 8.87 -3.76
CA GLY A 34 5.55 9.89 -3.29
C GLY A 34 4.37 10.10 -4.22
N GLY A 35 3.27 9.39 -3.94
CA GLY A 35 2.09 9.51 -4.78
C GLY A 35 1.52 8.16 -5.17
N PHE A 36 2.19 7.09 -4.74
CA PHE A 36 1.76 5.73 -5.06
C PHE A 36 1.70 4.87 -3.80
N GLY A 37 0.58 4.19 -3.61
CA GLY A 37 0.43 3.33 -2.44
C GLY A 37 0.16 1.89 -2.81
N CYS A 38 -0.21 1.08 -1.82
CA CYS A 38 -0.51 -0.32 -2.04
C CYS A 38 -1.56 -0.84 -1.05
N CYS A 39 -2.43 -1.71 -1.52
CA CYS A 39 -3.47 -2.28 -0.67
C CYS A 39 -3.30 -3.79 -0.52
N ARG A 40 -4.02 -4.37 0.43
CA ARG A 40 -3.95 -5.80 0.67
C ARG A 40 -4.34 -6.59 -0.57
N ILE A 41 -3.34 -7.18 -1.23
CA ILE A 41 -3.57 -7.95 -2.44
C ILE A 41 -3.83 -9.42 -2.10
N GLY A 42 -2.94 -10.01 -1.31
CA GLY A 42 -3.09 -11.39 -0.93
C GLY A 42 -3.47 -11.56 0.53
N ASP A 1 -5.12 4.86 8.63
CA ASP A 1 -3.76 4.74 9.13
C ASP A 1 -3.72 3.92 10.41
N ASP A 2 -4.07 2.65 10.31
CA ASP A 2 -4.08 1.76 11.47
C ASP A 2 -3.58 0.36 11.08
N THR A 3 -2.37 0.31 10.53
CA THR A 3 -1.79 -0.97 10.11
C THR A 3 -0.48 -1.23 10.84
N PRO A 4 -0.07 -2.51 10.88
CA PRO A 4 1.19 -2.92 11.53
C PRO A 4 2.42 -2.44 10.79
N SER A 5 3.58 -2.92 11.21
CA SER A 5 4.84 -2.54 10.58
C SER A 5 5.03 -3.27 9.25
N SER A 6 4.18 -2.94 8.28
CA SER A 6 4.25 -3.57 6.96
C SER A 6 4.96 -2.66 5.97
N ARG A 7 4.85 -3.00 4.69
CA ARG A 7 5.49 -2.21 3.63
C ARG A 7 5.14 -2.77 2.25
N CYS A 8 5.10 -1.89 1.26
CA CYS A 8 4.78 -2.30 -0.11
C CYS A 8 5.79 -3.32 -0.62
N GLY A 9 5.28 -4.50 -1.00
CA GLY A 9 6.13 -5.54 -1.51
C GLY A 9 6.94 -6.21 -0.41
N SER A 10 6.39 -6.23 0.79
CA SER A 10 7.05 -6.85 1.94
C SER A 10 6.26 -8.03 2.48
N GLY A 11 4.99 -8.10 2.08
CA GLY A 11 4.14 -9.18 2.53
C GLY A 11 2.98 -9.45 1.58
N GLY A 12 1.86 -8.77 1.81
CA GLY A 12 0.70 -8.95 0.96
C GLY A 12 0.45 -7.75 0.06
N TRP A 13 1.19 -6.68 0.28
CA TRP A 13 1.05 -5.47 -0.51
C TRP A 13 1.89 -5.54 -1.77
N GLY A 14 1.30 -5.16 -2.91
CA GLY A 14 2.02 -5.19 -4.17
C GLY A 14 3.25 -4.32 -4.15
N PRO A 15 3.86 -4.13 -5.33
CA PRO A 15 5.07 -3.30 -5.48
C PRO A 15 4.79 -1.82 -5.28
N CYS A 16 3.82 -1.30 -6.04
CA CYS A 16 3.46 0.11 -5.95
C CYS A 16 2.27 0.41 -6.84
N LEU A 17 1.21 0.97 -6.25
CA LEU A 17 0.01 1.31 -7.00
C LEU A 17 -0.38 2.77 -6.76
N PRO A 18 -0.83 3.44 -7.83
CA PRO A 18 -1.25 4.85 -7.76
C PRO A 18 -2.54 5.04 -6.98
N ILE A 19 -2.50 5.90 -5.96
CA ILE A 19 -3.67 6.17 -5.14
C ILE A 19 -4.84 6.66 -5.99
N VAL A 20 -4.53 7.16 -7.18
CA VAL A 20 -5.55 7.66 -8.08
C VAL A 20 -6.58 6.58 -8.42
N ASP A 21 -6.17 5.32 -8.28
CA ASP A 21 -7.05 4.20 -8.57
C ASP A 21 -7.37 3.43 -7.29
N LEU A 22 -6.77 3.85 -6.18
CA LEU A 22 -6.99 3.20 -4.89
C LEU A 22 -8.48 2.97 -4.65
N LEU A 23 -8.79 2.00 -3.80
CA LEU A 23 -10.18 1.68 -3.48
C LEU A 23 -10.34 1.43 -1.98
N CYS A 24 -9.23 1.20 -1.30
CA CYS A 24 -9.26 0.95 0.14
C CYS A 24 -8.88 2.20 0.92
N ILE A 25 -8.94 2.10 2.25
CA ILE A 25 -8.60 3.23 3.11
C ILE A 25 -7.53 2.85 4.12
N VAL A 26 -7.57 1.60 4.58
CA VAL A 26 -6.60 1.11 5.54
C VAL A 26 -5.39 0.50 4.85
N HIS A 27 -5.26 0.78 3.55
CA HIS A 27 -4.14 0.26 2.76
C HIS A 27 -2.80 0.67 3.38
N VAL A 28 -1.71 0.39 2.66
CA VAL A 28 -0.38 0.73 3.14
C VAL A 28 0.37 1.56 2.11
N THR A 29 1.12 2.55 2.60
CA THR A 29 1.88 3.43 1.71
C THR A 29 3.33 3.58 2.20
N VAL A 30 3.93 2.45 2.57
CA VAL A 30 5.30 2.45 3.06
C VAL A 30 6.23 1.78 2.07
N GLY A 31 7.42 2.36 1.88
CA GLY A 31 8.38 1.80 0.95
C GLY A 31 8.12 2.20 -0.49
N CYS A 32 7.00 2.88 -0.71
CA CYS A 32 6.63 3.33 -2.05
C CYS A 32 6.98 4.81 -2.24
N SER A 33 6.65 5.34 -3.41
CA SER A 33 6.93 6.74 -3.72
C SER A 33 5.79 7.63 -3.26
N GLY A 34 6.11 8.87 -2.89
CA GLY A 34 5.11 9.81 -2.43
C GLY A 34 3.99 10.00 -3.44
N GLY A 35 2.84 9.42 -3.16
CA GLY A 35 1.71 9.55 -4.07
C GLY A 35 1.21 8.21 -4.56
N PHE A 36 1.91 7.14 -4.20
CA PHE A 36 1.54 5.79 -4.61
C PHE A 36 1.52 4.85 -3.42
N GLY A 37 0.41 4.11 -3.27
CA GLY A 37 0.29 3.18 -2.17
C GLY A 37 0.05 1.75 -2.64
N CYS A 38 -0.26 0.86 -1.69
CA CYS A 38 -0.51 -0.53 -2.03
C CYS A 38 -1.61 -1.11 -1.14
N CYS A 39 -2.44 -1.97 -1.71
CA CYS A 39 -3.53 -2.60 -0.98
C CYS A 39 -3.34 -4.11 -0.88
N ARG A 40 -4.12 -4.75 -0.02
CA ARG A 40 -4.03 -6.18 0.17
C ARG A 40 -4.42 -6.92 -1.11
N ILE A 41 -3.42 -7.48 -1.79
CA ILE A 41 -3.67 -8.21 -3.02
C ILE A 41 -3.77 -9.71 -2.76
N GLY A 42 -2.77 -10.25 -2.07
CA GLY A 42 -2.76 -11.67 -1.77
C GLY A 42 -2.00 -11.99 -0.50
N ASP A 1 -5.09 2.86 15.72
CA ASP A 1 -5.30 3.74 14.58
C ASP A 1 -4.03 3.82 13.73
N ASP A 2 -3.51 2.67 13.35
CA ASP A 2 -2.30 2.61 12.52
C ASP A 2 -2.02 1.18 12.06
N THR A 3 -1.61 1.04 10.81
CA THR A 3 -1.31 -0.27 10.24
C THR A 3 -0.09 -0.89 10.90
N PRO A 4 0.03 -2.22 10.79
CA PRO A 4 1.15 -2.97 11.37
C PRO A 4 2.47 -2.68 10.66
N SER A 5 3.50 -3.46 11.00
CA SER A 5 4.81 -3.29 10.39
C SER A 5 4.85 -3.89 8.98
N SER A 6 3.98 -3.39 8.12
CA SER A 6 3.90 -3.88 6.74
C SER A 6 4.42 -2.83 5.76
N ARG A 7 4.86 -3.27 4.59
CA ARG A 7 5.38 -2.38 3.58
C ARG A 7 5.16 -2.96 2.17
N CYS A 8 4.95 -2.08 1.20
CA CYS A 8 4.73 -2.51 -0.17
C CYS A 8 5.81 -3.47 -0.63
N GLY A 9 5.40 -4.67 -1.05
CA GLY A 9 6.35 -5.66 -1.49
C GLY A 9 7.07 -6.35 -0.34
N SER A 10 6.45 -6.32 0.83
CA SER A 10 7.04 -6.93 2.01
C SER A 10 6.16 -8.05 2.55
N GLY A 11 4.86 -7.95 2.27
CA GLY A 11 3.92 -8.96 2.73
C GLY A 11 2.86 -9.26 1.70
N GLY A 12 1.67 -8.72 1.89
CA GLY A 12 0.57 -8.95 0.97
C GLY A 12 0.35 -7.79 0.03
N TRP A 13 1.04 -6.69 0.28
CA TRP A 13 0.92 -5.50 -0.55
C TRP A 13 1.84 -5.57 -1.76
N GLY A 14 1.33 -5.22 -2.93
CA GLY A 14 2.13 -5.26 -4.14
C GLY A 14 3.35 -4.35 -4.06
N PRO A 15 4.02 -4.16 -5.19
CA PRO A 15 5.21 -3.31 -5.27
C PRO A 15 4.89 -1.83 -5.10
N CYS A 16 4.00 -1.32 -5.95
CA CYS A 16 3.60 0.07 -5.90
C CYS A 16 2.45 0.35 -6.86
N LEU A 17 1.37 0.92 -6.33
CA LEU A 17 0.21 1.23 -7.16
C LEU A 17 -0.20 2.70 -6.97
N PRO A 18 -0.61 3.33 -8.08
CA PRO A 18 -1.04 4.73 -8.07
C PRO A 18 -2.36 4.94 -7.35
N ILE A 19 -2.37 5.83 -6.37
CA ILE A 19 -3.59 6.11 -5.61
C ILE A 19 -4.72 6.56 -6.53
N VAL A 20 -4.37 7.02 -7.72
CA VAL A 20 -5.35 7.47 -8.69
C VAL A 20 -6.34 6.38 -9.03
N ASP A 21 -5.93 5.13 -8.83
CA ASP A 21 -6.78 3.98 -9.11
C ASP A 21 -7.14 3.25 -7.82
N LEU A 22 -6.59 3.71 -6.71
CA LEU A 22 -6.86 3.09 -5.41
C LEU A 22 -8.34 2.80 -5.23
N LEU A 23 -8.66 1.88 -4.34
CA LEU A 23 -10.04 1.51 -4.07
C LEU A 23 -10.28 1.33 -2.58
N CYS A 24 -9.20 1.22 -1.82
CA CYS A 24 -9.30 1.06 -0.37
C CYS A 24 -8.95 2.36 0.35
N ILE A 25 -9.07 2.35 1.67
CA ILE A 25 -8.77 3.53 2.47
C ILE A 25 -7.73 3.22 3.54
N VAL A 26 -7.83 2.03 4.13
CA VAL A 26 -6.90 1.60 5.17
C VAL A 26 -5.69 0.89 4.56
N HIS A 27 -5.53 1.02 3.26
CA HIS A 27 -4.42 0.39 2.56
C HIS A 27 -3.08 0.81 3.16
N VAL A 28 -1.99 0.43 2.49
CA VAL A 28 -0.65 0.77 2.96
C VAL A 28 0.09 1.63 1.93
N THR A 29 0.87 2.58 2.42
CA THR A 29 1.64 3.47 1.54
C THR A 29 3.07 3.62 2.04
N VAL A 30 3.66 2.53 2.50
CA VAL A 30 5.03 2.54 2.99
C VAL A 30 5.99 1.90 2.00
N GLY A 31 7.18 2.47 1.87
CA GLY A 31 8.17 1.94 0.95
C GLY A 31 7.93 2.39 -0.48
N CYS A 32 6.81 3.06 -0.71
CA CYS A 32 6.48 3.55 -2.04
C CYS A 32 6.82 5.02 -2.18
N SER A 33 6.54 5.59 -3.36
CA SER A 33 6.83 6.99 -3.62
C SER A 33 5.69 7.88 -3.13
N GLY A 34 6.00 9.15 -2.90
CA GLY A 34 4.98 10.08 -2.43
C GLY A 34 3.87 10.29 -3.45
N GLY A 35 2.81 9.49 -3.31
CA GLY A 35 1.68 9.61 -4.23
C GLY A 35 1.23 8.26 -4.74
N PHE A 36 1.92 7.20 -4.33
CA PHE A 36 1.57 5.85 -4.76
C PHE A 36 1.50 4.90 -3.55
N GLY A 37 0.41 4.15 -3.47
CA GLY A 37 0.23 3.22 -2.38
C GLY A 37 0.04 1.79 -2.85
N CYS A 38 -0.35 0.92 -1.93
CA CYS A 38 -0.56 -0.49 -2.26
C CYS A 38 -1.71 -1.06 -1.44
N CYS A 39 -2.49 -1.95 -2.07
CA CYS A 39 -3.63 -2.57 -1.40
C CYS A 39 -3.42 -4.07 -1.27
N ARG A 40 -4.19 -4.70 -0.38
CA ARG A 40 -4.09 -6.14 -0.15
C ARG A 40 -4.31 -6.90 -1.45
N ILE A 41 -3.24 -7.48 -1.99
CA ILE A 41 -3.33 -8.24 -3.23
C ILE A 41 -3.55 -9.72 -2.95
N GLY A 42 -2.71 -10.29 -2.10
CA GLY A 42 -2.84 -11.70 -1.75
C GLY A 42 -1.88 -12.12 -0.65
N ASP A 1 -7.26 2.42 10.93
CA ASP A 1 -6.69 2.37 12.27
C ASP A 1 -6.02 1.03 12.53
N ASP A 2 -5.37 0.48 11.50
CA ASP A 2 -4.69 -0.79 11.61
C ASP A 2 -3.54 -0.89 10.61
N THR A 3 -2.57 0.01 10.75
CA THR A 3 -1.41 0.03 9.86
C THR A 3 -0.13 -0.33 10.60
N PRO A 4 0.16 -1.63 10.69
CA PRO A 4 1.35 -2.13 11.38
C PRO A 4 2.63 -1.80 10.63
N SER A 5 3.75 -2.37 11.08
CA SER A 5 5.04 -2.13 10.45
C SER A 5 5.17 -2.93 9.16
N SER A 6 4.38 -2.56 8.16
CA SER A 6 4.41 -3.26 6.87
C SER A 6 5.10 -2.41 5.82
N ARG A 7 4.95 -2.79 4.55
CA ARG A 7 5.56 -2.07 3.45
C ARG A 7 5.19 -2.71 2.11
N CYS A 8 5.12 -1.89 1.07
CA CYS A 8 4.77 -2.36 -0.27
C CYS A 8 5.77 -3.42 -0.73
N GLY A 9 5.26 -4.62 -1.02
CA GLY A 9 6.12 -5.70 -1.47
C GLY A 9 6.92 -6.31 -0.34
N SER A 10 6.39 -6.25 0.87
CA SER A 10 7.06 -6.80 2.03
C SER A 10 6.26 -7.93 2.65
N GLY A 11 4.99 -8.03 2.28
CA GLY A 11 4.14 -9.08 2.80
C GLY A 11 2.96 -9.37 1.89
N GLY A 12 1.86 -8.67 2.10
CA GLY A 12 0.68 -8.89 1.27
C GLY A 12 0.41 -7.73 0.34
N TRP A 13 1.15 -6.65 0.50
CA TRP A 13 1.00 -5.47 -0.34
C TRP A 13 1.80 -5.60 -1.62
N GLY A 14 1.19 -5.24 -2.75
CA GLY A 14 1.87 -5.33 -4.03
C GLY A 14 3.12 -4.48 -4.08
N PRO A 15 3.71 -4.34 -5.28
CA PRO A 15 4.92 -3.55 -5.48
C PRO A 15 4.68 -2.05 -5.31
N CYS A 16 3.72 -1.52 -6.05
CA CYS A 16 3.38 -0.11 -5.98
C CYS A 16 2.19 0.22 -6.88
N LEU A 17 1.17 0.83 -6.30
CA LEU A 17 -0.03 1.19 -7.05
C LEU A 17 -0.36 2.67 -6.86
N PRO A 18 -0.79 3.32 -7.96
CA PRO A 18 -1.15 4.75 -7.93
C PRO A 18 -2.43 5.01 -7.15
N ILE A 19 -2.35 5.91 -6.18
CA ILE A 19 -3.50 6.26 -5.36
C ILE A 19 -4.66 6.74 -6.21
N VAL A 20 -4.35 7.18 -7.43
CA VAL A 20 -5.37 7.67 -8.35
C VAL A 20 -6.42 6.60 -8.62
N ASP A 21 -6.05 5.34 -8.42
CA ASP A 21 -6.96 4.22 -8.64
C ASP A 21 -7.28 3.52 -7.32
N LEU A 22 -6.66 3.97 -6.25
CA LEU A 22 -6.88 3.39 -4.93
C LEU A 22 -8.37 3.20 -4.66
N LEU A 23 -8.70 2.26 -3.77
CA LEU A 23 -10.08 1.97 -3.43
C LEU A 23 -10.24 1.77 -1.94
N CYS A 24 -9.13 1.54 -1.25
CA CYS A 24 -9.14 1.34 0.20
C CYS A 24 -8.72 2.60 0.93
N ILE A 25 -8.76 2.55 2.26
CA ILE A 25 -8.39 3.70 3.09
C ILE A 25 -7.31 3.32 4.08
N VAL A 26 -7.37 2.10 4.59
CA VAL A 26 -6.39 1.61 5.55
C VAL A 26 -5.21 0.94 4.84
N HIS A 27 -5.10 1.18 3.54
CA HIS A 27 -4.02 0.60 2.75
C HIS A 27 -2.66 0.99 3.32
N VAL A 28 -1.60 0.66 2.59
CA VAL A 28 -0.24 0.98 3.03
C VAL A 28 0.49 1.81 1.97
N THR A 29 1.29 2.76 2.44
CA THR A 29 2.05 3.63 1.55
C THR A 29 3.51 3.74 1.99
N VAL A 30 4.10 2.61 2.35
CA VAL A 30 5.48 2.59 2.79
C VAL A 30 6.37 1.88 1.78
N GLY A 31 7.55 2.43 1.54
CA GLY A 31 8.48 1.83 0.59
C GLY A 31 8.16 2.22 -0.84
N CYS A 32 7.05 2.91 -1.04
CA CYS A 32 6.64 3.33 -2.37
C CYS A 32 7.04 4.78 -2.62
N SER A 33 6.69 5.29 -3.81
CA SER A 33 7.02 6.66 -4.17
C SER A 33 5.97 7.63 -3.63
N GLY A 34 6.36 8.89 -3.49
CA GLY A 34 5.44 9.90 -2.99
C GLY A 34 4.25 10.11 -3.89
N GLY A 35 3.17 9.40 -3.62
CA GLY A 35 1.98 9.52 -4.43
C GLY A 35 1.43 8.18 -4.87
N PHE A 36 2.10 7.11 -4.48
CA PHE A 36 1.68 5.76 -4.84
C PHE A 36 1.63 4.85 -3.61
N GLY A 37 0.51 4.15 -3.44
CA GLY A 37 0.36 3.26 -2.32
C GLY A 37 0.10 1.82 -2.73
N CYS A 38 -0.26 0.98 -1.77
CA CYS A 38 -0.54 -0.43 -2.04
C CYS A 38 -1.61 -0.96 -1.09
N CYS A 39 -2.47 -1.83 -1.61
CA CYS A 39 -3.53 -2.42 -0.81
C CYS A 39 -3.35 -3.93 -0.68
N ARG A 40 -4.10 -4.53 0.23
CA ARG A 40 -4.02 -5.98 0.45
C ARG A 40 -4.40 -6.75 -0.81
N ILE A 41 -3.45 -7.53 -1.33
CA ILE A 41 -3.69 -8.31 -2.54
C ILE A 41 -3.77 -9.79 -2.22
N GLY A 42 -2.76 -10.29 -1.50
CA GLY A 42 -2.74 -11.69 -1.14
C GLY A 42 -2.35 -12.59 -2.30
N ASP A 1 -8.46 0.82 11.00
CA ASP A 1 -7.48 1.75 11.53
C ASP A 1 -6.28 1.00 12.10
N ASP A 2 -5.79 0.02 11.35
CA ASP A 2 -4.64 -0.77 11.78
C ASP A 2 -3.56 -0.76 10.71
N THR A 3 -2.42 -0.14 11.03
CA THR A 3 -1.31 -0.06 10.09
C THR A 3 0.00 -0.45 10.78
N PRO A 4 0.30 -1.75 10.79
CA PRO A 4 1.53 -2.27 11.41
C PRO A 4 2.78 -1.89 10.62
N SER A 5 3.92 -2.44 11.03
CA SER A 5 5.19 -2.15 10.37
C SER A 5 5.31 -2.93 9.07
N SER A 6 4.46 -2.59 8.11
CA SER A 6 4.47 -3.27 6.81
C SER A 6 5.18 -2.42 5.77
N ARG A 7 5.01 -2.79 4.49
CA ARG A 7 5.64 -2.08 3.40
C ARG A 7 5.30 -2.71 2.06
N CYS A 8 5.10 -1.88 1.04
CA CYS A 8 4.77 -2.36 -0.30
C CYS A 8 5.77 -3.43 -0.76
N GLY A 9 5.26 -4.61 -1.06
CA GLY A 9 6.11 -5.70 -1.51
C GLY A 9 6.92 -6.30 -0.39
N SER A 10 6.39 -6.24 0.83
CA SER A 10 7.07 -6.78 2.00
C SER A 10 6.28 -7.93 2.61
N GLY A 11 4.99 -8.01 2.25
CA GLY A 11 4.15 -9.07 2.77
C GLY A 11 2.97 -9.37 1.87
N GLY A 12 1.87 -8.66 2.07
CA GLY A 12 0.68 -8.88 1.26
C GLY A 12 0.41 -7.72 0.31
N TRP A 13 1.17 -6.64 0.48
CA TRP A 13 1.00 -5.46 -0.37
C TRP A 13 1.80 -5.59 -1.66
N GLY A 14 1.18 -5.23 -2.77
CA GLY A 14 1.86 -5.32 -4.06
C GLY A 14 3.11 -4.47 -4.11
N PRO A 15 3.69 -4.34 -5.32
CA PRO A 15 4.90 -3.55 -5.52
C PRO A 15 4.67 -2.05 -5.35
N CYS A 16 3.69 -1.53 -6.08
CA CYS A 16 3.35 -0.11 -6.01
C CYS A 16 2.16 0.21 -6.91
N LEU A 17 1.14 0.82 -6.31
CA LEU A 17 -0.06 1.18 -7.06
C LEU A 17 -0.38 2.66 -6.88
N PRO A 18 -0.82 3.30 -7.98
CA PRO A 18 -1.18 4.73 -7.97
C PRO A 18 -2.45 5.01 -7.17
N ILE A 19 -2.34 5.93 -6.21
CA ILE A 19 -3.47 6.29 -5.38
C ILE A 19 -4.65 6.77 -6.23
N VAL A 20 -4.35 7.20 -7.45
CA VAL A 20 -5.39 7.68 -8.36
C VAL A 20 -6.43 6.61 -8.62
N ASP A 21 -6.05 5.35 -8.45
CA ASP A 21 -6.96 4.23 -8.66
C ASP A 21 -7.28 3.54 -7.35
N LEU A 22 -6.65 3.99 -6.27
CA LEU A 22 -6.87 3.41 -4.95
C LEU A 22 -8.35 3.20 -4.68
N LEU A 23 -8.67 2.28 -3.78
CA LEU A 23 -10.05 1.99 -3.43
C LEU A 23 -10.21 1.81 -1.92
N CYS A 24 -9.09 1.62 -1.23
CA CYS A 24 -9.10 1.44 0.22
C CYS A 24 -8.67 2.73 0.92
N ILE A 25 -8.73 2.70 2.25
CA ILE A 25 -8.34 3.86 3.04
C ILE A 25 -7.25 3.50 4.05
N VAL A 26 -7.34 2.30 4.60
CA VAL A 26 -6.35 1.83 5.57
C VAL A 26 -5.20 1.12 4.89
N HIS A 27 -5.09 1.30 3.58
CA HIS A 27 -4.02 0.67 2.80
C HIS A 27 -2.65 1.07 3.35
N VAL A 28 -1.60 0.69 2.62
CA VAL A 28 -0.23 1.00 3.04
C VAL A 28 0.49 1.82 1.98
N THR A 29 1.30 2.77 2.43
CA THR A 29 2.05 3.62 1.51
C THR A 29 3.51 3.74 1.93
N VAL A 30 4.10 2.61 2.32
CA VAL A 30 5.49 2.58 2.74
C VAL A 30 6.37 1.85 1.73
N GLY A 31 7.56 2.38 1.49
CA GLY A 31 8.47 1.77 0.55
C GLY A 31 8.17 2.16 -0.89
N CYS A 32 7.05 2.85 -1.09
CA CYS A 32 6.65 3.29 -2.42
C CYS A 32 7.05 4.74 -2.66
N SER A 33 6.72 5.25 -3.84
CA SER A 33 7.06 6.62 -4.20
C SER A 33 6.01 7.60 -3.66
N GLY A 34 6.41 8.86 -3.52
CA GLY A 34 5.50 9.87 -3.01
C GLY A 34 4.31 10.10 -3.93
N GLY A 35 3.22 9.39 -3.66
CA GLY A 35 2.04 9.52 -4.49
C GLY A 35 1.46 8.19 -4.93
N PHE A 36 2.13 7.11 -4.52
CA PHE A 36 1.69 5.77 -4.87
C PHE A 36 1.64 4.86 -3.65
N GLY A 37 0.52 4.16 -3.47
CA GLY A 37 0.37 3.28 -2.34
C GLY A 37 0.10 1.84 -2.75
N CYS A 38 -0.26 1.01 -1.78
CA CYS A 38 -0.55 -0.40 -2.05
C CYS A 38 -1.60 -0.93 -1.09
N CYS A 39 -2.46 -1.81 -1.60
CA CYS A 39 -3.52 -2.39 -0.78
C CYS A 39 -3.32 -3.91 -0.64
N ARG A 40 -4.06 -4.50 0.29
CA ARG A 40 -3.96 -5.94 0.52
C ARG A 40 -4.35 -6.73 -0.72
N ILE A 41 -3.35 -7.34 -1.36
CA ILE A 41 -3.59 -8.13 -2.56
C ILE A 41 -3.80 -9.60 -2.23
N GLY A 42 -2.87 -10.17 -1.47
CA GLY A 42 -2.97 -11.57 -1.09
C GLY A 42 -2.21 -11.87 0.18
N ASP A 1 -2.57 5.46 9.44
CA ASP A 1 -3.94 5.05 9.14
C ASP A 1 -4.27 3.72 9.81
N ASP A 2 -3.74 3.52 11.01
CA ASP A 2 -3.97 2.30 11.77
C ASP A 2 -3.52 1.08 10.97
N THR A 3 -2.21 0.91 10.85
CA THR A 3 -1.64 -0.22 10.11
C THR A 3 -0.44 -0.80 10.84
N PRO A 4 -0.26 -2.12 10.71
CA PRO A 4 0.86 -2.83 11.34
C PRO A 4 2.21 -2.49 10.72
N SER A 5 3.25 -3.19 11.14
CA SER A 5 4.59 -2.95 10.62
C SER A 5 4.78 -3.64 9.28
N SER A 6 4.04 -3.18 8.27
CA SER A 6 4.13 -3.77 6.93
C SER A 6 4.87 -2.83 5.98
N ARG A 7 4.78 -3.12 4.69
CA ARG A 7 5.45 -2.31 3.68
C ARG A 7 5.15 -2.83 2.28
N CYS A 8 5.00 -1.92 1.33
CA CYS A 8 4.71 -2.29 -0.05
C CYS A 8 5.72 -3.32 -0.56
N GLY A 9 5.21 -4.47 -1.00
CA GLY A 9 6.07 -5.53 -1.50
C GLY A 9 6.87 -6.19 -0.40
N SER A 10 6.31 -6.24 0.81
CA SER A 10 6.98 -6.85 1.94
C SER A 10 6.18 -8.04 2.46
N GLY A 11 4.93 -8.14 2.03
CA GLY A 11 4.08 -9.24 2.46
C GLY A 11 2.95 -9.51 1.49
N GLY A 12 1.83 -8.81 1.70
CA GLY A 12 0.68 -9.00 0.83
C GLY A 12 0.43 -7.79 -0.06
N TRP A 13 1.16 -6.72 0.18
CA TRP A 13 1.02 -5.50 -0.61
C TRP A 13 1.89 -5.56 -1.86
N GLY A 14 1.31 -5.17 -3.00
CA GLY A 14 2.04 -5.19 -4.25
C GLY A 14 3.27 -4.29 -4.21
N PRO A 15 3.90 -4.09 -5.38
CA PRO A 15 5.09 -3.26 -5.50
C PRO A 15 4.79 -1.78 -5.29
N CYS A 16 3.85 -1.25 -6.06
CA CYS A 16 3.47 0.15 -5.96
C CYS A 16 2.27 0.46 -6.86
N LEU A 17 1.21 1.00 -6.26
CA LEU A 17 0.00 1.34 -7.01
C LEU A 17 -0.40 2.79 -6.76
N PRO A 18 -0.86 3.46 -7.81
CA PRO A 18 -1.29 4.86 -7.74
C PRO A 18 -2.58 5.03 -6.95
N ILE A 19 -2.55 5.90 -5.94
CA ILE A 19 -3.73 6.14 -5.11
C ILE A 19 -4.91 6.60 -5.95
N VAL A 20 -4.61 7.10 -7.16
CA VAL A 20 -5.66 7.57 -8.06
C VAL A 20 -6.64 6.45 -8.40
N ASP A 21 -6.18 5.21 -8.27
CA ASP A 21 -7.01 4.05 -8.57
C ASP A 21 -7.31 3.26 -7.29
N LEU A 22 -6.73 3.70 -6.18
CA LEU A 22 -6.94 3.04 -4.90
C LEU A 22 -8.41 2.73 -4.68
N LEU A 23 -8.68 1.77 -3.79
CA LEU A 23 -10.05 1.37 -3.48
C LEU A 23 -10.23 1.17 -1.98
N CYS A 24 -9.13 1.06 -1.27
CA CYS A 24 -9.16 0.86 0.18
C CYS A 24 -8.78 2.14 0.91
N ILE A 25 -8.93 2.13 2.23
CA ILE A 25 -8.60 3.28 3.05
C ILE A 25 -7.53 2.95 4.07
N VAL A 26 -7.60 1.74 4.62
CA VAL A 26 -6.62 1.30 5.61
C VAL A 26 -5.43 0.61 4.94
N HIS A 27 -5.30 0.81 3.64
CA HIS A 27 -4.20 0.21 2.88
C HIS A 27 -2.86 0.63 3.46
N VAL A 28 -1.79 0.29 2.75
CA VAL A 28 -0.44 0.62 3.19
C VAL A 28 0.28 1.47 2.15
N THR A 29 1.06 2.45 2.62
CA THR A 29 1.80 3.34 1.74
C THR A 29 3.24 3.49 2.19
N VAL A 30 3.84 2.37 2.61
CA VAL A 30 5.23 2.38 3.07
C VAL A 30 6.16 1.71 2.05
N GLY A 31 7.35 2.28 1.88
CA GLY A 31 8.30 1.72 0.95
C GLY A 31 8.06 2.18 -0.47
N CYS A 32 6.93 2.85 -0.70
CA CYS A 32 6.58 3.35 -2.01
C CYS A 32 6.92 4.83 -2.15
N SER A 33 6.62 5.40 -3.32
CA SER A 33 6.91 6.81 -3.58
C SER A 33 5.75 7.69 -3.11
N GLY A 34 6.08 8.90 -2.68
CA GLY A 34 5.06 9.82 -2.22
C GLY A 34 3.97 10.05 -3.25
N GLY A 35 2.81 9.43 -3.04
CA GLY A 35 1.70 9.58 -3.97
C GLY A 35 1.20 8.25 -4.49
N PHE A 36 1.89 7.18 -4.13
CA PHE A 36 1.50 5.84 -4.56
C PHE A 36 1.48 4.87 -3.37
N GLY A 37 0.39 4.12 -3.25
CA GLY A 37 0.25 3.17 -2.15
C GLY A 37 0.04 1.75 -2.65
N CYS A 38 -0.28 0.86 -1.73
CA CYS A 38 -0.51 -0.54 -2.06
C CYS A 38 -1.64 -1.13 -1.23
N CYS A 39 -2.44 -2.00 -1.85
CA CYS A 39 -3.56 -2.63 -1.15
C CYS A 39 -3.35 -4.13 -1.04
N ARG A 40 -4.09 -4.77 -0.14
CA ARG A 40 -3.98 -6.20 0.07
C ARG A 40 -4.30 -6.97 -1.22
N ILE A 41 -3.25 -7.49 -1.85
CA ILE A 41 -3.40 -8.24 -3.09
C ILE A 41 -3.58 -9.73 -2.81
N GLY A 42 -2.65 -10.30 -2.03
CA GLY A 42 -2.72 -11.70 -1.70
C GLY A 42 -1.40 -12.42 -1.95
N ASP A 1 -5.86 4.05 9.07
CA ASP A 1 -4.47 4.44 9.20
C ASP A 1 -3.83 3.82 10.44
N ASP A 2 -4.07 2.52 10.63
CA ASP A 2 -3.53 1.81 11.78
C ASP A 2 -3.06 0.41 11.39
N THR A 3 -2.05 0.34 10.55
CA THR A 3 -1.52 -0.93 10.08
C THR A 3 -0.22 -1.27 10.81
N PRO A 4 0.14 -2.57 10.80
CA PRO A 4 1.36 -3.06 11.45
C PRO A 4 2.62 -2.61 10.72
N SER A 5 3.76 -3.15 11.14
CA SER A 5 5.04 -2.80 10.53
C SER A 5 5.21 -3.50 9.19
N SER A 6 4.37 -3.15 8.23
CA SER A 6 4.43 -3.75 6.90
C SER A 6 5.12 -2.81 5.92
N ARG A 7 5.00 -3.12 4.63
CA ARG A 7 5.61 -2.31 3.59
C ARG A 7 5.30 -2.88 2.20
N CYS A 8 5.13 -1.99 1.23
CA CYS A 8 4.83 -2.40 -0.14
C CYS A 8 5.86 -3.42 -0.63
N GLY A 9 5.38 -4.61 -1.03
CA GLY A 9 6.26 -5.64 -1.52
C GLY A 9 7.04 -6.31 -0.41
N SER A 10 6.48 -6.28 0.80
CA SER A 10 7.13 -6.88 1.95
C SER A 10 6.29 -8.02 2.52
N GLY A 11 5.00 -8.00 2.20
CA GLY A 11 4.11 -9.03 2.69
C GLY A 11 2.97 -9.31 1.73
N GLY A 12 1.81 -8.70 1.98
CA GLY A 12 0.66 -8.90 1.13
C GLY A 12 0.41 -7.71 0.21
N TRP A 13 1.15 -6.63 0.42
CA TRP A 13 1.01 -5.43 -0.39
C TRP A 13 1.86 -5.52 -1.65
N GLY A 14 1.27 -5.16 -2.79
CA GLY A 14 1.99 -5.21 -4.04
C GLY A 14 3.23 -4.33 -4.04
N PRO A 15 3.84 -4.15 -5.22
CA PRO A 15 5.04 -3.32 -5.37
C PRO A 15 4.75 -1.84 -5.19
N CYS A 16 3.80 -1.33 -5.96
CA CYS A 16 3.43 0.09 -5.89
C CYS A 16 2.25 0.39 -6.80
N LEU A 17 1.19 0.96 -6.23
CA LEU A 17 -0.01 1.29 -7.00
C LEU A 17 -0.39 2.75 -6.78
N PRO A 18 -0.83 3.41 -7.87
CA PRO A 18 -1.24 4.82 -7.83
C PRO A 18 -2.54 5.01 -7.06
N ILE A 19 -2.51 5.90 -6.07
CA ILE A 19 -3.69 6.18 -5.27
C ILE A 19 -4.84 6.68 -6.13
N VAL A 20 -4.50 7.15 -7.32
CA VAL A 20 -5.52 7.65 -8.25
C VAL A 20 -6.54 6.58 -8.58
N ASP A 21 -6.14 5.32 -8.44
CA ASP A 21 -7.03 4.20 -8.72
C ASP A 21 -7.36 3.43 -7.44
N LEU A 22 -6.76 3.86 -6.33
CA LEU A 22 -7.00 3.22 -5.04
C LEU A 22 -8.49 2.98 -4.82
N LEU A 23 -8.80 2.03 -3.94
CA LEU A 23 -10.19 1.69 -3.64
C LEU A 23 -10.38 1.49 -2.14
N CYS A 24 -9.28 1.30 -1.43
CA CYS A 24 -9.33 1.10 0.02
C CYS A 24 -8.99 2.38 0.76
N ILE A 25 -8.99 2.30 2.09
CA ILE A 25 -8.68 3.46 2.91
C ILE A 25 -7.62 3.12 3.96
N VAL A 26 -7.69 1.91 4.49
CA VAL A 26 -6.75 1.45 5.50
C VAL A 26 -5.54 0.77 4.85
N HIS A 27 -5.38 0.99 3.55
CA HIS A 27 -4.27 0.40 2.81
C HIS A 27 -2.93 0.82 3.42
N VAL A 28 -1.84 0.48 2.74
CA VAL A 28 -0.50 0.81 3.21
C VAL A 28 0.27 1.61 2.17
N THR A 29 1.03 2.60 2.61
CA THR A 29 1.82 3.42 1.72
C THR A 29 3.26 3.54 2.20
N VAL A 30 3.84 2.41 2.59
CA VAL A 30 5.21 2.38 3.06
C VAL A 30 6.14 1.70 2.04
N GLY A 31 7.33 2.27 1.88
CA GLY A 31 8.28 1.71 0.93
C GLY A 31 8.02 2.16 -0.49
N CYS A 32 6.91 2.85 -0.70
CA CYS A 32 6.54 3.34 -2.02
C CYS A 32 6.91 4.81 -2.17
N SER A 33 6.60 5.37 -3.34
CA SER A 33 6.90 6.78 -3.62
C SER A 33 5.73 7.67 -3.22
N GLY A 34 6.03 8.90 -2.83
CA GLY A 34 5.00 9.84 -2.44
C GLY A 34 3.94 10.01 -3.50
N GLY A 35 2.75 9.47 -3.24
CA GLY A 35 1.67 9.59 -4.20
C GLY A 35 1.16 8.23 -4.67
N PHE A 36 1.87 7.18 -4.28
CA PHE A 36 1.50 5.83 -4.67
C PHE A 36 1.47 4.90 -3.45
N GLY A 37 0.38 4.16 -3.30
CA GLY A 37 0.25 3.25 -2.19
C GLY A 37 0.01 1.82 -2.63
N CYS A 38 -0.30 0.94 -1.68
CA CYS A 38 -0.54 -0.46 -1.98
C CYS A 38 -1.64 -1.02 -1.09
N CYS A 39 -2.45 -1.92 -1.67
CA CYS A 39 -3.54 -2.53 -0.93
C CYS A 39 -3.33 -4.04 -0.79
N ARG A 40 -4.06 -4.65 0.14
CA ARG A 40 -3.95 -6.08 0.37
C ARG A 40 -4.25 -6.86 -0.91
N ILE A 41 -3.20 -7.41 -1.53
CA ILE A 41 -3.35 -8.18 -2.75
C ILE A 41 -3.57 -9.66 -2.45
N GLY A 42 -2.67 -10.22 -1.65
CA GLY A 42 -2.77 -11.62 -1.29
C GLY A 42 -2.30 -12.54 -2.41
N ASP A 1 -7.43 0.79 14.74
CA ASP A 1 -7.75 1.18 13.37
C ASP A 1 -6.50 1.66 12.64
N ASP A 2 -5.46 0.84 12.67
CA ASP A 2 -4.19 1.18 12.02
C ASP A 2 -3.41 -0.07 11.67
N THR A 3 -2.82 -0.09 10.48
CA THR A 3 -2.03 -1.23 10.02
C THR A 3 -0.66 -1.26 10.69
N PRO A 4 -0.02 -2.44 10.70
CA PRO A 4 1.30 -2.62 11.30
C PRO A 4 2.40 -1.93 10.50
N SER A 5 3.64 -2.12 10.91
CA SER A 5 4.78 -1.51 10.23
C SER A 5 5.16 -2.30 8.99
N SER A 6 4.25 -2.36 8.03
CA SER A 6 4.50 -3.08 6.78
C SER A 6 4.99 -2.14 5.68
N ARG A 7 4.99 -2.64 4.45
CA ARG A 7 5.44 -1.84 3.31
C ARG A 7 5.13 -2.55 2.00
N CYS A 8 5.22 -1.82 0.90
CA CYS A 8 4.96 -2.38 -0.42
C CYS A 8 5.99 -3.45 -0.78
N GLY A 9 5.50 -4.65 -1.06
CA GLY A 9 6.40 -5.74 -1.42
C GLY A 9 7.02 -6.40 -0.20
N SER A 10 6.20 -6.63 0.83
CA SER A 10 6.67 -7.25 2.06
C SER A 10 5.79 -8.42 2.45
N GLY A 11 4.49 -8.27 2.23
CA GLY A 11 3.54 -9.32 2.57
C GLY A 11 2.39 -9.41 1.60
N GLY A 12 1.34 -8.62 1.85
CA GLY A 12 0.19 -8.63 0.98
C GLY A 12 0.12 -7.40 0.09
N TRP A 13 1.01 -6.44 0.35
CA TRP A 13 1.05 -5.21 -0.43
C TRP A 13 1.91 -5.39 -1.68
N GLY A 14 1.34 -5.08 -2.84
CA GLY A 14 2.07 -5.21 -4.08
C GLY A 14 3.30 -4.34 -4.12
N PRO A 15 3.91 -4.22 -5.32
CA PRO A 15 5.12 -3.41 -5.51
C PRO A 15 4.84 -1.91 -5.38
N CYS A 16 3.88 -1.42 -6.14
CA CYS A 16 3.53 0.00 -6.11
C CYS A 16 2.33 0.27 -7.01
N LEU A 17 1.29 0.86 -6.42
CA LEU A 17 0.07 1.18 -7.16
C LEU A 17 -0.30 2.66 -6.99
N PRO A 18 -0.76 3.28 -8.08
CA PRO A 18 -1.17 4.69 -8.07
C PRO A 18 -2.44 4.93 -7.27
N ILE A 19 -2.37 5.84 -6.31
CA ILE A 19 -3.52 6.16 -5.47
C ILE A 19 -4.70 6.64 -6.31
N VAL A 20 -4.41 7.07 -7.53
CA VAL A 20 -5.44 7.54 -8.45
C VAL A 20 -6.49 6.47 -8.70
N ASP A 21 -6.10 5.21 -8.51
CA ASP A 21 -7.00 4.09 -8.73
C ASP A 21 -7.30 3.38 -7.41
N LEU A 22 -6.67 3.84 -6.34
CA LEU A 22 -6.86 3.26 -5.01
C LEU A 22 -8.35 3.04 -4.73
N LEU A 23 -8.64 2.12 -3.82
CA LEU A 23 -10.02 1.82 -3.45
C LEU A 23 -10.15 1.65 -1.94
N CYS A 24 -9.03 1.49 -1.26
CA CYS A 24 -9.02 1.33 0.18
C CYS A 24 -8.61 2.62 0.88
N ILE A 25 -8.62 2.61 2.21
CA ILE A 25 -8.24 3.78 2.99
C ILE A 25 -7.16 3.44 4.00
N VAL A 26 -7.24 2.24 4.57
CA VAL A 26 -6.26 1.79 5.55
C VAL A 26 -5.10 1.07 4.88
N HIS A 27 -4.98 1.23 3.56
CA HIS A 27 -3.92 0.61 2.80
C HIS A 27 -2.55 1.01 3.34
N VAL A 28 -1.50 0.62 2.63
CA VAL A 28 -0.13 0.94 3.04
C VAL A 28 0.60 1.73 1.96
N THR A 29 1.38 2.72 2.37
CA THR A 29 2.13 3.54 1.44
C THR A 29 3.59 3.69 1.88
N VAL A 30 4.18 2.57 2.30
CA VAL A 30 5.56 2.56 2.74
C VAL A 30 6.46 1.84 1.73
N GLY A 31 7.64 2.39 1.50
CA GLY A 31 8.58 1.79 0.57
C GLY A 31 8.29 2.19 -0.87
N CYS A 32 7.18 2.88 -1.09
CA CYS A 32 6.79 3.32 -2.42
C CYS A 32 7.17 4.78 -2.63
N SER A 33 6.83 5.31 -3.81
CA SER A 33 7.13 6.69 -4.15
C SER A 33 5.98 7.61 -3.76
N GLY A 34 6.32 8.83 -3.36
CA GLY A 34 5.30 9.78 -2.96
C GLY A 34 4.21 9.95 -4.01
N GLY A 35 3.02 9.45 -3.71
CA GLY A 35 1.91 9.55 -4.64
C GLY A 35 1.39 8.19 -5.06
N PHE A 36 2.08 7.14 -4.67
CA PHE A 36 1.68 5.78 -5.00
C PHE A 36 1.68 4.89 -3.77
N GLY A 37 0.57 4.17 -3.58
CA GLY A 37 0.45 3.29 -2.43
C GLY A 37 0.19 1.85 -2.83
N CYS A 38 -0.12 1.00 -1.85
CA CYS A 38 -0.38 -0.41 -2.10
C CYS A 38 -1.46 -0.92 -1.17
N CYS A 39 -2.31 -1.82 -1.68
CA CYS A 39 -3.40 -2.39 -0.90
C CYS A 39 -3.22 -3.90 -0.76
N ARG A 40 -4.01 -4.50 0.13
CA ARG A 40 -3.94 -5.94 0.37
C ARG A 40 -4.34 -6.71 -0.89
N ILE A 41 -3.39 -7.40 -1.48
CA ILE A 41 -3.64 -8.19 -2.69
C ILE A 41 -3.67 -9.68 -2.38
N GLY A 42 -2.62 -10.16 -1.71
CA GLY A 42 -2.57 -11.57 -1.36
C GLY A 42 -2.01 -11.80 0.04
N ASP A 1 -5.16 4.85 11.38
CA ASP A 1 -4.02 4.47 10.57
C ASP A 1 -2.97 3.74 11.40
N ASP A 2 -3.42 2.75 12.16
CA ASP A 2 -2.52 1.97 13.01
C ASP A 2 -2.26 0.60 12.40
N THR A 3 -1.43 0.57 11.35
CA THR A 3 -1.08 -0.67 10.68
C THR A 3 0.19 -1.27 11.24
N PRO A 4 0.38 -2.58 11.02
CA PRO A 4 1.56 -3.31 11.50
C PRO A 4 2.83 -2.91 10.76
N SER A 5 3.90 -3.64 11.00
CA SER A 5 5.19 -3.35 10.35
C SER A 5 5.22 -3.93 8.94
N SER A 6 4.26 -3.52 8.12
CA SER A 6 4.17 -3.99 6.74
C SER A 6 4.50 -2.86 5.76
N ARG A 7 4.94 -3.24 4.57
CA ARG A 7 5.29 -2.27 3.54
C ARG A 7 4.98 -2.81 2.14
N CYS A 8 4.98 -1.92 1.15
CA CYS A 8 4.70 -2.31 -0.22
C CYS A 8 5.76 -3.28 -0.73
N GLY A 9 5.35 -4.53 -0.94
CA GLY A 9 6.28 -5.54 -1.42
C GLY A 9 7.04 -6.21 -0.30
N SER A 10 6.46 -6.21 0.90
CA SER A 10 7.10 -6.83 2.05
C SER A 10 6.26 -7.98 2.59
N GLY A 11 4.96 -7.93 2.32
CA GLY A 11 4.07 -8.98 2.79
C GLY A 11 2.97 -9.29 1.78
N GLY A 12 1.80 -8.71 2.01
CA GLY A 12 0.68 -8.93 1.10
C GLY A 12 0.42 -7.77 0.18
N TRP A 13 1.13 -6.66 0.42
CA TRP A 13 0.97 -5.46 -0.40
C TRP A 13 1.87 -5.52 -1.63
N GLY A 14 1.32 -5.16 -2.79
CA GLY A 14 2.09 -5.19 -4.02
C GLY A 14 3.31 -4.29 -3.95
N PRO A 15 3.97 -4.12 -5.10
CA PRO A 15 5.17 -3.28 -5.21
C PRO A 15 4.86 -1.79 -5.04
N CYS A 16 3.92 -1.30 -5.84
CA CYS A 16 3.53 0.10 -5.78
C CYS A 16 2.39 0.39 -6.75
N LEU A 17 1.30 0.95 -6.22
CA LEU A 17 0.14 1.27 -7.05
C LEU A 17 -0.27 2.73 -6.86
N PRO A 18 -0.66 3.38 -7.97
CA PRO A 18 -1.08 4.78 -7.96
C PRO A 18 -2.42 4.99 -7.25
N ILE A 19 -2.43 5.88 -6.27
CA ILE A 19 -3.64 6.16 -5.52
C ILE A 19 -4.77 6.63 -6.43
N VAL A 20 -4.40 7.09 -7.63
CA VAL A 20 -5.37 7.57 -8.60
C VAL A 20 -6.38 6.47 -8.95
N ASP A 21 -5.97 5.22 -8.75
CA ASP A 21 -6.85 4.09 -9.03
C ASP A 21 -7.22 3.35 -7.76
N LEU A 22 -6.67 3.80 -6.64
CA LEU A 22 -6.94 3.18 -5.34
C LEU A 22 -8.44 2.92 -5.17
N LEU A 23 -8.77 1.97 -4.31
CA LEU A 23 -10.16 1.62 -4.04
C LEU A 23 -10.39 1.41 -2.56
N CYS A 24 -9.31 1.22 -1.81
CA CYS A 24 -9.40 1.01 -0.36
C CYS A 24 -9.06 2.28 0.39
N ILE A 25 -9.18 2.22 1.72
CA ILE A 25 -8.89 3.37 2.56
C ILE A 25 -7.86 3.03 3.63
N VAL A 26 -7.94 1.81 4.14
CA VAL A 26 -7.01 1.35 5.17
C VAL A 26 -5.77 0.70 4.54
N HIS A 27 -5.59 0.92 3.24
CA HIS A 27 -4.45 0.35 2.52
C HIS A 27 -3.14 0.77 3.17
N VAL A 28 -2.03 0.46 2.51
CA VAL A 28 -0.70 0.80 3.02
C VAL A 28 0.06 1.66 2.02
N THR A 29 0.83 2.61 2.53
CA THR A 29 1.62 3.49 1.68
C THR A 29 3.04 3.65 2.22
N VAL A 30 3.64 2.53 2.63
CA VAL A 30 5.00 2.55 3.16
C VAL A 30 5.97 1.90 2.18
N GLY A 31 7.14 2.52 2.03
CA GLY A 31 8.14 1.99 1.12
C GLY A 31 7.91 2.41 -0.31
N CYS A 32 6.78 3.07 -0.55
CA CYS A 32 6.44 3.53 -1.89
C CYS A 32 6.79 5.00 -2.07
N SER A 33 6.50 5.53 -3.26
CA SER A 33 6.78 6.93 -3.55
C SER A 33 5.64 7.83 -3.10
N GLY A 34 5.96 9.09 -2.81
CA GLY A 34 4.95 10.04 -2.37
C GLY A 34 3.85 10.22 -3.40
N GLY A 35 2.75 9.50 -3.23
CA GLY A 35 1.64 9.61 -4.16
C GLY A 35 1.17 8.25 -4.67
N PHE A 36 1.86 7.21 -4.24
CA PHE A 36 1.51 5.85 -4.66
C PHE A 36 1.43 4.91 -3.46
N GLY A 37 0.33 4.17 -3.36
CA GLY A 37 0.15 3.25 -2.26
C GLY A 37 -0.04 1.81 -2.73
N CYS A 38 -0.43 0.94 -1.81
CA CYS A 38 -0.64 -0.47 -2.13
C CYS A 38 -1.74 -1.06 -1.26
N CYS A 39 -2.54 -1.94 -1.85
CA CYS A 39 -3.64 -2.58 -1.13
C CYS A 39 -3.41 -4.08 -1.03
N ARG A 40 -4.20 -4.75 -0.19
CA ARG A 40 -4.09 -6.19 -0.01
C ARG A 40 -4.38 -6.93 -1.31
N ILE A 41 -3.37 -7.65 -1.79
CA ILE A 41 -3.51 -8.41 -3.04
C ILE A 41 -3.55 -9.90 -2.76
N GLY A 42 -2.56 -10.40 -2.02
CA GLY A 42 -2.50 -11.81 -1.70
C GLY A 42 -3.64 -12.24 -0.80
N ASP A 1 -5.30 3.63 8.24
CA ASP A 1 -5.89 3.64 9.57
C ASP A 1 -5.03 2.85 10.55
N ASP A 2 -3.80 3.31 10.76
CA ASP A 2 -2.88 2.65 11.68
C ASP A 2 -2.59 1.23 11.22
N THR A 3 -1.58 1.07 10.37
CA THR A 3 -1.21 -0.23 9.86
C THR A 3 -0.01 -0.80 10.61
N PRO A 4 0.17 -2.12 10.54
CA PRO A 4 1.28 -2.81 11.21
C PRO A 4 2.64 -2.50 10.57
N SER A 5 3.67 -3.19 11.03
CA SER A 5 5.02 -2.97 10.51
C SER A 5 5.19 -3.67 9.16
N SER A 6 4.39 -3.26 8.18
CA SER A 6 4.46 -3.84 6.85
C SER A 6 5.15 -2.90 5.87
N ARG A 7 5.03 -3.20 4.58
CA ARG A 7 5.64 -2.37 3.54
C ARG A 7 5.34 -2.94 2.16
N CYS A 8 5.15 -2.05 1.19
CA CYS A 8 4.86 -2.45 -0.18
C CYS A 8 5.91 -3.44 -0.69
N GLY A 9 5.44 -4.62 -1.10
CA GLY A 9 6.35 -5.63 -1.60
C GLY A 9 7.11 -6.33 -0.49
N SER A 10 6.56 -6.29 0.71
CA SER A 10 7.21 -6.92 1.87
C SER A 10 6.35 -8.05 2.43
N GLY A 11 5.05 -7.98 2.16
CA GLY A 11 4.14 -9.01 2.64
C GLY A 11 3.01 -9.28 1.67
N GLY A 12 1.84 -8.70 1.94
CA GLY A 12 0.69 -8.90 1.07
C GLY A 12 0.44 -7.71 0.16
N TRP A 13 1.18 -6.64 0.39
CA TRP A 13 1.03 -5.43 -0.43
C TRP A 13 1.89 -5.50 -1.68
N GLY A 14 1.30 -5.14 -2.82
CA GLY A 14 2.04 -5.18 -4.07
C GLY A 14 3.26 -4.29 -4.05
N PRO A 15 3.88 -4.11 -5.23
CA PRO A 15 5.08 -3.28 -5.36
C PRO A 15 4.79 -1.80 -5.17
N CYS A 16 3.85 -1.27 -5.95
CA CYS A 16 3.47 0.13 -5.87
C CYS A 16 2.29 0.44 -6.78
N LEU A 17 1.23 0.99 -6.21
CA LEU A 17 0.04 1.32 -6.98
C LEU A 17 -0.37 2.78 -6.74
N PRO A 18 -0.79 3.45 -7.82
CA PRO A 18 -1.22 4.86 -7.76
C PRO A 18 -2.52 5.03 -7.01
N ILE A 19 -2.50 5.89 -5.99
CA ILE A 19 -3.69 6.16 -5.19
C ILE A 19 -4.85 6.66 -6.05
N VAL A 20 -4.51 7.15 -7.24
CA VAL A 20 -5.52 7.66 -8.17
C VAL A 20 -6.54 6.58 -8.52
N ASP A 21 -6.14 5.32 -8.37
CA ASP A 21 -7.01 4.20 -8.67
C ASP A 21 -7.35 3.43 -7.39
N LEU A 22 -6.77 3.84 -6.28
CA LEU A 22 -7.01 3.18 -5.00
C LEU A 22 -8.50 2.95 -4.77
N LEU A 23 -8.82 1.99 -3.93
CA LEU A 23 -10.21 1.66 -3.62
C LEU A 23 -10.39 1.41 -2.13
N CYS A 24 -9.29 1.19 -1.42
CA CYS A 24 -9.34 0.95 0.01
C CYS A 24 -9.00 2.21 0.79
N ILE A 25 -9.03 2.10 2.12
CA ILE A 25 -8.72 3.24 2.98
C ILE A 25 -7.66 2.88 4.01
N VAL A 26 -7.70 1.64 4.49
CA VAL A 26 -6.74 1.17 5.47
C VAL A 26 -5.51 0.55 4.80
N HIS A 27 -5.36 0.83 3.50
CA HIS A 27 -4.23 0.30 2.74
C HIS A 27 -2.90 0.72 3.38
N VAL A 28 -1.81 0.43 2.69
CA VAL A 28 -0.48 0.78 3.18
C VAL A 28 0.30 1.57 2.15
N THR A 29 1.06 2.55 2.63
CA THR A 29 1.86 3.40 1.74
C THR A 29 3.30 3.50 2.24
N VAL A 30 3.87 2.36 2.61
CA VAL A 30 5.25 2.32 3.10
C VAL A 30 6.17 1.67 2.08
N GLY A 31 7.36 2.24 1.92
CA GLY A 31 8.32 1.70 0.98
C GLY A 31 8.06 2.16 -0.45
N CYS A 32 6.94 2.85 -0.64
CA CYS A 32 6.58 3.35 -1.97
C CYS A 32 6.94 4.83 -2.10
N SER A 33 6.63 5.41 -3.26
CA SER A 33 6.92 6.81 -3.52
C SER A 33 5.73 7.69 -3.14
N GLY A 34 6.03 8.90 -2.67
CA GLY A 34 4.97 9.82 -2.28
C GLY A 34 3.93 10.00 -3.36
N GLY A 35 2.72 9.48 -3.11
CA GLY A 35 1.65 9.60 -4.09
C GLY A 35 1.17 8.25 -4.57
N PHE A 36 1.88 7.18 -4.19
CA PHE A 36 1.51 5.84 -4.60
C PHE A 36 1.49 4.90 -3.40
N GLY A 37 0.39 4.15 -3.25
CA GLY A 37 0.27 3.22 -2.15
C GLY A 37 0.03 1.80 -2.61
N CYS A 38 -0.28 0.92 -1.67
CA CYS A 38 -0.52 -0.49 -1.99
C CYS A 38 -1.63 -1.06 -1.11
N CYS A 39 -2.45 -1.93 -1.69
CA CYS A 39 -3.55 -2.55 -0.96
C CYS A 39 -3.34 -4.07 -0.85
N ARG A 40 -4.15 -4.70 0.00
CA ARG A 40 -4.05 -6.14 0.20
C ARG A 40 -4.40 -6.89 -1.08
N ILE A 41 -3.40 -7.45 -1.73
CA ILE A 41 -3.60 -8.19 -2.96
C ILE A 41 -3.67 -9.69 -2.70
N GLY A 42 -2.77 -10.18 -1.85
CA GLY A 42 -2.74 -11.60 -1.53
C GLY A 42 -3.55 -11.91 -0.28
N ASP A 1 -7.42 1.75 12.91
CA ASP A 1 -6.06 2.26 12.81
C ASP A 1 -5.05 1.16 13.05
N ASP A 2 -5.07 0.14 12.19
CA ASP A 2 -4.14 -0.98 12.32
C ASP A 2 -3.09 -0.93 11.22
N THR A 3 -2.01 -0.18 11.46
CA THR A 3 -0.93 -0.05 10.50
C THR A 3 0.40 -0.48 11.11
N PRO A 4 0.69 -1.79 11.02
CA PRO A 4 1.94 -2.36 11.55
C PRO A 4 3.16 -1.93 10.75
N SER A 5 4.30 -2.55 11.05
CA SER A 5 5.54 -2.24 10.35
C SER A 5 5.61 -2.95 9.00
N SER A 6 4.62 -2.69 8.16
CA SER A 6 4.56 -3.31 6.84
C SER A 6 4.83 -2.29 5.75
N ARG A 7 5.31 -2.76 4.59
CA ARG A 7 5.60 -1.88 3.47
C ARG A 7 5.30 -2.58 2.14
N CYS A 8 5.13 -1.80 1.09
CA CYS A 8 4.83 -2.33 -0.23
C CYS A 8 5.85 -3.41 -0.62
N GLY A 9 5.35 -4.60 -0.90
CA GLY A 9 6.21 -5.70 -1.28
C GLY A 9 6.88 -6.36 -0.08
N SER A 10 6.09 -6.56 0.97
CA SER A 10 6.61 -7.18 2.20
C SER A 10 5.72 -8.33 2.64
N GLY A 11 4.40 -8.15 2.49
CA GLY A 11 3.46 -9.18 2.88
C GLY A 11 2.31 -9.31 1.90
N GLY A 12 1.27 -8.52 2.09
CA GLY A 12 0.11 -8.58 1.21
C GLY A 12 0.04 -7.38 0.28
N TRP A 13 0.90 -6.39 0.52
CA TRP A 13 0.93 -5.18 -0.30
C TRP A 13 1.81 -5.38 -1.53
N GLY A 14 1.28 -5.05 -2.70
CA GLY A 14 2.03 -5.19 -3.93
C GLY A 14 3.27 -4.33 -3.95
N PRO A 15 3.89 -4.20 -5.14
CA PRO A 15 5.10 -3.40 -5.32
C PRO A 15 4.83 -1.90 -5.19
N CYS A 16 3.89 -1.41 -5.99
CA CYS A 16 3.53 0.00 -5.98
C CYS A 16 2.36 0.28 -6.91
N LEU A 17 1.30 0.87 -6.36
CA LEU A 17 0.11 1.19 -7.14
C LEU A 17 -0.26 2.66 -6.99
N PRO A 18 -0.69 3.29 -8.10
CA PRO A 18 -1.09 4.69 -8.10
C PRO A 18 -2.40 4.93 -7.36
N ILE A 19 -2.37 5.84 -6.38
CA ILE A 19 -3.55 6.15 -5.60
C ILE A 19 -4.69 6.62 -6.49
N VAL A 20 -4.37 7.05 -7.70
CA VAL A 20 -5.37 7.51 -8.65
C VAL A 20 -6.40 6.43 -8.94
N ASP A 21 -6.00 5.18 -8.73
CA ASP A 21 -6.89 4.05 -8.97
C ASP A 21 -7.24 3.34 -7.66
N LEU A 22 -6.64 3.80 -6.57
CA LEU A 22 -6.89 3.22 -5.26
C LEU A 22 -8.38 3.01 -5.03
N LEU A 23 -8.70 2.09 -4.13
CA LEU A 23 -10.10 1.79 -3.82
C LEU A 23 -10.30 1.62 -2.31
N CYS A 24 -9.20 1.43 -1.60
CA CYS A 24 -9.25 1.26 -0.15
C CYS A 24 -8.87 2.56 0.57
N ILE A 25 -8.95 2.54 1.89
CA ILE A 25 -8.62 3.71 2.70
C ILE A 25 -7.56 3.37 3.74
N VAL A 26 -7.63 2.16 4.28
CA VAL A 26 -6.68 1.71 5.29
C VAL A 26 -5.47 1.04 4.64
N HIS A 27 -5.31 1.25 3.34
CA HIS A 27 -4.19 0.67 2.60
C HIS A 27 -2.86 1.09 3.21
N VAL A 28 -1.76 0.75 2.54
CA VAL A 28 -0.43 1.08 3.02
C VAL A 28 0.36 1.84 1.97
N THR A 29 1.13 2.84 2.40
CA THR A 29 1.93 3.65 1.49
C THR A 29 3.37 3.77 1.99
N VAL A 30 3.93 2.65 2.42
CA VAL A 30 5.31 2.62 2.92
C VAL A 30 6.24 1.90 1.95
N GLY A 31 7.42 2.47 1.75
CA GLY A 31 8.38 1.87 0.85
C GLY A 31 8.15 2.24 -0.61
N CYS A 32 7.03 2.93 -0.85
CA CYS A 32 6.68 3.35 -2.20
C CYS A 32 7.05 4.81 -2.43
N SER A 33 6.75 5.32 -3.62
CA SER A 33 7.05 6.70 -3.96
C SER A 33 5.88 7.62 -3.62
N GLY A 34 6.20 8.85 -3.24
CA GLY A 34 5.15 9.81 -2.89
C GLY A 34 4.10 9.95 -3.98
N GLY A 35 2.89 9.48 -3.69
CA GLY A 35 1.81 9.56 -4.65
C GLY A 35 1.31 8.19 -5.08
N PHE A 36 2.01 7.15 -4.65
CA PHE A 36 1.63 5.78 -4.99
C PHE A 36 1.60 4.91 -3.74
N GLY A 37 0.49 4.19 -3.57
CA GLY A 37 0.34 3.32 -2.41
C GLY A 37 0.09 1.87 -2.81
N CYS A 38 -0.22 1.04 -1.82
CA CYS A 38 -0.48 -0.37 -2.07
C CYS A 38 -1.60 -0.89 -1.16
N CYS A 39 -2.42 -1.78 -1.69
CA CYS A 39 -3.52 -2.36 -0.94
C CYS A 39 -3.33 -3.86 -0.75
N ARG A 40 -4.14 -4.45 0.13
CA ARG A 40 -4.06 -5.87 0.40
C ARG A 40 -4.42 -6.68 -0.84
N ILE A 41 -3.41 -7.27 -1.47
CA ILE A 41 -3.62 -8.08 -2.66
C ILE A 41 -3.71 -9.56 -2.33
N GLY A 42 -2.72 -10.06 -1.58
CA GLY A 42 -2.71 -11.46 -1.20
C GLY A 42 -2.61 -12.39 -2.40
#